data_9O94
#
_entry.id   9O94
#
_cell.length_a   1.00
_cell.length_b   1.00
_cell.length_c   1.00
_cell.angle_alpha   90.00
_cell.angle_beta   90.00
_cell.angle_gamma   90.00
#
_symmetry.space_group_name_H-M   'P 1'
#
loop_
_entity.id
_entity.type
_entity.pdbx_description
1 polymer 'Antigen peptide transporter 1'
2 polymer 'Antigen peptide transporter 2'
3 polymer 'bUL49.5, 15-Ala helix'
4 non-polymer "ADENOSINE-5'-TRIPHOSPHATE"
5 non-polymer 'MAGNESIUM ION'
#
loop_
_entity_poly.entity_id
_entity_poly.type
_entity_poly.pdbx_seq_one_letter_code
_entity_poly.pdbx_strand_id
1 'polypeptide(L)'
;MASSRCPAPRGCRCLPGASLAWLGTVLLLLADWVLLRTALPRIFSLLVPTALPLLRVWAVGLSRWAVLWLGACGVLRATV
GSKSENAGAQGWLAALKPLAAALGLALPGLALFRELISWGAPGSADSTRLLHWGSHPTAFVVSYAAALPAAALWHKLGSL
WVPGGQGGSGNPVRRLLGCLGSETRRLSLFLVLVVLSSLGEMAIPFFTGRLTDWILQDGSADTFTRNLTLMSILTIASAV
LEFVGDGIYNNTMGHVHSHLQGEVFGAVLRQETEFFQQNQTGNIMSRVTEDTSTLSDSLSENLSLFLWYLVRGLCLLGIM
LWGSVSLTMVTLITLPLLFLLPKKVGKWYQLLEVQVRESLAKSSQVAIEALSAMPTVRSFANEEGEAQKFREKLQEIKTL
NQKEAVAYAVNSWTTSISGMLLKVGILYIGGQLVTSGAVSSGNLVTFVLYQMQFTQAVEVLLSIYPRVQKAVGSSEKIFE
YLDRTPRCPPSGLLTPLHLEGLVQFQDVSFAYPNRPDVLVLQGLTFTLRPGEVTALVGPNGSGKSTVAALLQNLYQPTGG
QLLLDGKPLPQYEHRYLHRQVAAVGQEPQVFGRSLQENIAYGLTQKPTMEEITAAAVKSGAHSFISGLPQGYDTEVDEAG
SQLSGGQRQAVALARALIRKPCVLILDDATSALDANSQLQVEQLLYESPERYSRSVLLITQHLSLVEQADHILFLEGGAI
REGGTHQQLMEKKGCYWAMVQAPADAPEGGGSGGSGGGENLYFQGSGSSGGGSSGSGGAMVTTLSGLSGEQGPSGDMTTE
EDSATHIKFSKRDEDGRELAGATMELRDSSGKTISTWISDGHVKDFYLYPGKYTFVETAAPDGYEVATPIEFTVNEDGQV
TVDGEATEGDAHTSGGGHHHHHHHHHH
;
A
2 'polypeptide(L)'
;MRLPDLRPWTSLLLVDAALLWLLQGPLGTLLPQGLPGLWLEGTLRLGGLWGLLKLRGLLGFVGTLLLPLCLATPLTVSLR
ALVAGASRAPPARVASAPWSWLLVGYGAAGLSWSLWAVLSPPGAQEKEQDQVNNKVLMWRLLKLSRPDLPLLVAAFFFLV
LAVLGETLIPHYSGRVIDILGGDFDPHAFASAIFFMCLFSFGSSLSAGCRGGCFTYTMSRINLRIREQLFSSLLRQDLGF
FQETKTGELNSRLSSDTTLMSNWLPLNANVLLRSLVKVVGLYGFMLSISPRLTLLSLLHMPFTIAAEKVYNTRHQEVLRE
IQDAVARAGQVVREAVGGLQTVRSFGAEEHEVCRYKEALEQCRQLYWRRDLERALYLLVRRVLHLGVQMLMLSCGLQQMQ
DGELTQGSLLSFMIYQESVGSYVQTLVYIYGDMLSNVGAAEKVFSYMDRQPNLPSPGTLAPTTLQGVVKFQDVSFAYPNR
PDRPVLKGLTFTLRPGEVTALVGPNGSGKSTVAALLQNLYQPTGGQVLLDEKPISQYEHCYLHSQVVSVGQEPVLFSGSV
RNNIAYGLQSCEDDKVMAAAQAAHADDFIQEMEHGIYTDVGEKGSQLAAGQKQRLAIARALVRDPRVLILDQATSALDVQ
CEQALQDWNSRGDRTVLVIAHRLQTVQRAHQILVLQEGKLQKLAQL
;
B
3 'polypeptide(L)' (UNK)(UNK)(UNK)(UNK)(UNK)(UNK)(UNK)(UNK)(UNK)(UNK)(UNK)(UNK)(UNK)(UNK)(UNK) F
#
# COMPACT_ATOMS: atom_id res chain seq x y z
N VAL A 173 -22.72 -9.92 -9.58
CA VAL A 173 -22.85 -9.53 -8.18
C VAL A 173 -22.68 -10.77 -7.31
N ARG A 174 -22.94 -11.94 -7.90
CA ARG A 174 -22.83 -13.19 -7.17
C ARG A 174 -21.42 -13.44 -6.65
N ARG A 175 -20.41 -12.88 -7.32
CA ARG A 175 -19.04 -13.05 -6.86
C ARG A 175 -18.84 -12.41 -5.49
N LEU A 176 -19.40 -11.22 -5.28
CA LEU A 176 -19.29 -10.58 -3.97
C LEU A 176 -19.99 -11.40 -2.89
N LEU A 177 -21.19 -11.90 -3.19
CA LEU A 177 -21.95 -12.65 -2.19
C LEU A 177 -21.40 -14.06 -1.97
N GLY A 178 -20.51 -14.54 -2.85
CA GLY A 178 -19.95 -15.87 -2.67
C GLY A 178 -19.15 -16.02 -1.40
N CYS A 179 -18.44 -14.95 -1.00
CA CYS A 179 -17.58 -15.02 0.19
C CYS A 179 -18.35 -15.05 1.50
N LEU A 180 -19.65 -14.75 1.47
CA LEU A 180 -20.45 -14.69 2.69
C LEU A 180 -21.05 -16.04 3.08
N GLY A 181 -20.75 -17.11 2.33
CA GLY A 181 -21.35 -18.40 2.61
C GLY A 181 -20.94 -19.02 3.92
N SER A 182 -19.85 -18.53 4.53
CA SER A 182 -19.36 -19.08 5.78
C SER A 182 -19.94 -18.39 7.01
N GLU A 183 -20.81 -17.39 6.81
CA GLU A 183 -21.36 -16.62 7.93
C GLU A 183 -22.89 -16.61 7.93
N THR A 184 -23.51 -17.60 7.28
CA THR A 184 -24.96 -17.65 7.23
C THR A 184 -25.57 -17.88 8.61
N ARG A 185 -24.94 -18.74 9.41
CA ARG A 185 -25.48 -19.07 10.73
C ARG A 185 -25.55 -17.87 11.65
N ARG A 186 -24.78 -16.82 11.38
CA ARG A 186 -24.82 -15.58 12.16
C ARG A 186 -25.64 -14.50 11.48
N LEU A 187 -25.55 -14.38 10.16
CA LEU A 187 -26.34 -13.37 9.47
C LEU A 187 -27.84 -13.70 9.53
N SER A 188 -28.20 -14.98 9.63
CA SER A 188 -29.60 -15.33 9.83
C SER A 188 -30.10 -14.86 11.19
N LEU A 189 -29.28 -15.02 12.22
CA LEU A 189 -29.65 -14.52 13.55
C LEU A 189 -29.79 -13.00 13.54
N PHE A 190 -28.87 -12.31 12.86
CA PHE A 190 -28.97 -10.86 12.74
C PHE A 190 -30.26 -10.46 12.02
N LEU A 191 -30.60 -11.19 10.95
CA LEU A 191 -31.85 -10.93 10.23
C LEU A 191 -33.06 -11.15 11.13
N VAL A 192 -33.04 -12.20 11.95
CA VAL A 192 -34.15 -12.45 12.86
C VAL A 192 -34.29 -11.30 13.86
N LEU A 193 -33.16 -10.84 14.40
CA LEU A 193 -33.22 -9.73 15.35
C LEU A 193 -33.76 -8.46 14.68
N VAL A 194 -33.31 -8.16 13.47
CA VAL A 194 -33.74 -6.93 12.83
C VAL A 194 -35.22 -6.99 12.46
N VAL A 195 -35.71 -8.16 12.01
CA VAL A 195 -37.13 -8.23 11.67
C VAL A 195 -37.98 -8.17 12.93
N LEU A 196 -37.52 -8.78 14.03
CA LEU A 196 -38.25 -8.66 15.28
C LEU A 196 -38.33 -7.22 15.75
N SER A 197 -37.21 -6.49 15.66
CA SER A 197 -37.23 -5.09 16.05
C SER A 197 -38.13 -4.25 15.15
N SER A 198 -38.12 -4.55 13.85
CA SER A 198 -39.00 -3.83 12.92
C SER A 198 -40.46 -4.07 13.25
N LEU A 199 -40.83 -5.32 13.52
CA LEU A 199 -42.21 -5.62 13.88
C LEU A 199 -42.60 -4.96 15.19
N GLY A 200 -41.68 -4.95 16.17
CA GLY A 200 -41.96 -4.28 17.42
C GLY A 200 -42.17 -2.78 17.26
N GLU A 201 -41.36 -2.15 16.40
CA GLU A 201 -41.55 -0.73 16.13
C GLU A 201 -42.85 -0.47 15.40
N MET A 202 -43.23 -1.36 14.48
CA MET A 202 -44.46 -1.16 13.73
C MET A 202 -45.70 -1.38 14.58
N ALA A 203 -45.61 -2.26 15.59
CA ALA A 203 -46.74 -2.52 16.47
C ALA A 203 -46.41 -2.16 17.91
N THR A 223 -52.09 5.19 38.80
CA THR A 223 -52.02 4.98 37.35
C THR A 223 -50.68 5.48 36.80
N PHE A 224 -50.02 6.35 37.56
CA PHE A 224 -48.72 6.86 37.13
C PHE A 224 -47.68 5.74 37.04
N THR A 225 -47.68 4.84 38.02
CA THR A 225 -46.72 3.74 38.02
C THR A 225 -46.96 2.81 36.84
N ARG A 226 -48.24 2.52 36.53
CA ARG A 226 -48.56 1.60 35.45
C ARG A 226 -48.10 2.15 34.09
N ASN A 227 -48.32 3.44 33.85
CA ASN A 227 -47.96 4.01 32.55
C ASN A 227 -46.46 4.23 32.42
N LEU A 228 -45.76 4.46 33.53
CA LEU A 228 -44.32 4.73 33.46
C LEU A 228 -43.51 3.46 33.22
N THR A 229 -43.93 2.34 33.80
CA THR A 229 -43.14 1.11 33.71
C THR A 229 -43.13 0.56 32.29
N LEU A 230 -44.27 0.60 31.61
CA LEU A 230 -44.37 -0.02 30.29
C LEU A 230 -43.45 0.65 29.28
N MET A 231 -43.39 1.98 29.29
CA MET A 231 -42.50 2.69 28.37
C MET A 231 -41.05 2.34 28.65
N SER A 232 -40.67 2.26 29.93
CA SER A 232 -39.30 1.91 30.26
C SER A 232 -38.95 0.51 29.78
N ILE A 233 -39.86 -0.45 29.98
CA ILE A 233 -39.61 -1.82 29.53
C ILE A 233 -39.47 -1.86 28.01
N LEU A 234 -40.35 -1.16 27.29
CA LEU A 234 -40.29 -1.15 25.84
C LEU A 234 -38.97 -0.56 25.34
N THR A 235 -38.57 0.58 25.92
CA THR A 235 -37.33 1.21 25.49
C THR A 235 -36.12 0.35 25.81
N ILE A 236 -36.10 -0.28 26.98
CA ILE A 236 -34.98 -1.15 27.34
C ILE A 236 -34.90 -2.33 26.38
N ALA A 237 -36.05 -2.93 26.05
CA ALA A 237 -36.04 -4.06 25.12
C ALA A 237 -35.51 -3.63 23.76
N SER A 238 -35.97 -2.49 23.25
CA SER A 238 -35.52 -2.03 21.94
C SER A 238 -34.01 -1.76 21.94
N ALA A 239 -33.53 -1.08 22.99
CA ALA A 239 -32.10 -0.75 23.06
C ALA A 239 -31.25 -2.01 23.14
N VAL A 240 -31.66 -2.98 23.96
CA VAL A 240 -30.89 -4.22 24.09
C VAL A 240 -30.87 -4.97 22.78
N LEU A 241 -32.02 -5.07 22.10
CA LEU A 241 -32.06 -5.78 20.83
C LEU A 241 -31.14 -5.12 19.80
N GLU A 242 -31.20 -3.79 19.71
CA GLU A 242 -30.35 -3.07 18.77
C GLU A 242 -28.87 -3.29 19.09
N PHE A 243 -28.51 -3.24 20.37
CA PHE A 243 -27.13 -3.44 20.79
C PHE A 243 -26.63 -4.84 20.38
N VAL A 244 -27.43 -5.86 20.65
CA VAL A 244 -27.02 -7.23 20.33
C VAL A 244 -26.87 -7.40 18.82
N GLY A 245 -27.84 -6.90 18.05
CA GLY A 245 -27.75 -7.01 16.60
C GLY A 245 -26.52 -6.33 16.04
N ASP A 246 -26.25 -5.11 16.50
CA ASP A 246 -25.07 -4.40 16.02
C ASP A 246 -23.78 -5.14 16.38
N GLY A 247 -23.71 -5.67 17.60
CA GLY A 247 -22.52 -6.42 17.98
C GLY A 247 -22.28 -7.63 17.09
N ILE A 248 -23.33 -8.42 16.86
CA ILE A 248 -23.18 -9.61 16.02
C ILE A 248 -22.75 -9.22 14.61
N TYR A 249 -23.42 -8.22 14.03
CA TYR A 249 -23.11 -7.81 12.67
C TYR A 249 -21.66 -7.33 12.56
N ASN A 250 -21.21 -6.51 13.51
CA ASN A 250 -19.86 -5.98 13.44
C ASN A 250 -18.82 -7.08 13.59
N ASN A 251 -19.05 -8.03 14.50
CA ASN A 251 -18.10 -9.13 14.66
C ASN A 251 -18.00 -9.95 13.37
N THR A 252 -19.15 -10.26 12.77
CA THR A 252 -19.14 -11.04 11.53
C THR A 252 -18.41 -10.31 10.42
N MET A 253 -18.65 -9.00 10.29
CA MET A 253 -18.00 -8.24 9.22
C MET A 253 -16.50 -8.15 9.44
N GLY A 254 -16.05 -8.01 10.68
CA GLY A 254 -14.61 -8.02 10.93
C GLY A 254 -13.97 -9.33 10.57
N HIS A 255 -14.62 -10.45 10.93
CA HIS A 255 -14.11 -11.75 10.54
C HIS A 255 -14.02 -11.89 9.02
N VAL A 256 -15.06 -11.43 8.31
CA VAL A 256 -15.08 -11.52 6.86
C VAL A 256 -13.93 -10.73 6.27
N HIS A 257 -13.70 -9.51 6.77
CA HIS A 257 -12.61 -8.68 6.25
C HIS A 257 -11.26 -9.37 6.43
N SER A 258 -10.99 -9.88 7.64
CA SER A 258 -9.71 -10.53 7.88
C SER A 258 -9.52 -11.75 6.98
N HIS A 259 -10.57 -12.58 6.86
CA HIS A 259 -10.46 -13.78 6.03
C HIS A 259 -10.20 -13.42 4.58
N LEU A 260 -10.90 -12.40 4.06
CA LEU A 260 -10.71 -12.01 2.67
C LEU A 260 -9.30 -11.52 2.41
N GLN A 261 -8.77 -10.67 3.31
CA GLN A 261 -7.41 -10.18 3.10
C GLN A 261 -6.40 -11.30 3.13
N GLY A 262 -6.54 -12.22 4.09
CA GLY A 262 -5.62 -13.35 4.15
C GLY A 262 -5.67 -14.21 2.90
N GLU A 263 -6.88 -14.50 2.41
CA GLU A 263 -7.01 -15.31 1.21
C GLU A 263 -6.40 -14.62 0.00
N VAL A 264 -6.61 -13.31 -0.13
CA VAL A 264 -6.05 -12.59 -1.27
C VAL A 264 -4.53 -12.64 -1.26
N PHE A 265 -3.92 -12.40 -0.10
CA PHE A 265 -2.46 -12.46 -0.03
C PHE A 265 -1.94 -13.87 -0.33
N GLY A 266 -2.60 -14.88 0.24
CA GLY A 266 -2.18 -16.25 -0.03
C GLY A 266 -2.27 -16.61 -1.49
N ALA A 267 -3.33 -16.14 -2.17
CA ALA A 267 -3.44 -16.37 -3.61
C ALA A 267 -2.37 -15.63 -4.39
N VAL A 268 -1.99 -14.43 -3.92
CA VAL A 268 -0.93 -13.69 -4.59
C VAL A 268 0.38 -14.45 -4.52
N LEU A 269 0.71 -15.01 -3.36
CA LEU A 269 2.02 -15.64 -3.21
C LEU A 269 2.16 -16.96 -4.00
N ARG A 270 1.09 -17.50 -4.55
CA ARG A 270 1.17 -18.76 -5.28
C ARG A 270 1.52 -18.60 -6.76
N GLN A 271 1.60 -17.37 -7.26
CA GLN A 271 1.78 -17.15 -8.68
C GLN A 271 3.20 -17.50 -9.12
N GLU A 272 3.38 -17.65 -10.42
CA GLU A 272 4.67 -18.03 -10.98
C GLU A 272 5.66 -16.87 -10.87
N THR A 273 6.92 -17.16 -11.18
CA THR A 273 7.99 -16.19 -10.96
C THR A 273 7.86 -14.98 -11.88
N GLU A 274 7.50 -15.20 -13.14
CA GLU A 274 7.40 -14.08 -14.08
C GLU A 274 6.16 -13.23 -13.85
N PHE A 275 5.24 -13.67 -13.00
CA PHE A 275 4.08 -12.84 -12.67
C PHE A 275 4.50 -11.56 -11.95
N PHE A 276 5.60 -11.61 -11.20
CA PHE A 276 6.06 -10.49 -10.39
C PHE A 276 6.97 -9.55 -11.17
N GLN A 277 7.24 -9.84 -12.44
CA GLN A 277 7.88 -8.87 -13.32
C GLN A 277 6.86 -8.05 -14.10
N GLN A 278 5.73 -8.65 -14.47
CA GLN A 278 4.64 -7.88 -15.08
C GLN A 278 4.06 -6.88 -14.09
N ASN A 279 3.89 -7.28 -12.83
CA ASN A 279 3.33 -6.45 -11.79
C ASN A 279 4.43 -6.04 -10.82
N GLN A 280 4.53 -4.75 -10.56
CA GLN A 280 5.58 -4.24 -9.70
C GLN A 280 5.13 -4.22 -8.23
N THR A 281 6.08 -3.99 -7.33
CA THR A 281 5.84 -4.20 -5.91
C THR A 281 4.75 -3.27 -5.38
N GLY A 282 4.81 -1.98 -5.75
CA GLY A 282 3.81 -1.04 -5.27
C GLY A 282 2.42 -1.38 -5.78
N ASN A 283 2.32 -1.81 -7.03
CA ASN A 283 1.03 -2.19 -7.59
C ASN A 283 0.40 -3.36 -6.83
N ILE A 284 1.20 -4.40 -6.58
CA ILE A 284 0.69 -5.57 -5.86
C ILE A 284 0.32 -5.20 -4.43
N MET A 285 1.15 -4.39 -3.77
CA MET A 285 0.85 -3.99 -2.40
C MET A 285 -0.44 -3.18 -2.34
N SER A 286 -0.64 -2.26 -3.29
CA SER A 286 -1.86 -1.47 -3.32
C SER A 286 -3.08 -2.35 -3.59
N ARG A 287 -2.96 -3.33 -4.49
CA ARG A 287 -4.08 -4.22 -4.75
C ARG A 287 -4.44 -5.04 -3.52
N VAL A 288 -3.43 -5.58 -2.83
CA VAL A 288 -3.69 -6.48 -1.70
C VAL A 288 -4.24 -5.70 -0.51
N THR A 289 -3.61 -4.58 -0.16
CA THR A 289 -3.89 -3.93 1.11
C THR A 289 -4.97 -2.86 1.05
N GLU A 290 -5.30 -2.34 -0.14
CA GLU A 290 -6.25 -1.24 -0.25
C GLU A 290 -7.57 -1.62 -0.91
N ASP A 291 -7.55 -2.41 -1.98
CA ASP A 291 -8.79 -2.77 -2.64
C ASP A 291 -9.67 -3.63 -1.74
N THR A 292 -9.07 -4.57 -1.01
CA THR A 292 -9.83 -5.43 -0.11
C THR A 292 -10.48 -4.61 1.00
N SER A 293 -9.75 -3.64 1.55
CA SER A 293 -10.31 -2.80 2.61
C SER A 293 -11.49 -1.99 2.10
N THR A 294 -11.36 -1.41 0.90
CA THR A 294 -12.46 -0.63 0.33
C THR A 294 -13.68 -1.51 0.07
N LEU A 295 -13.47 -2.70 -0.48
CA LEU A 295 -14.59 -3.61 -0.72
C LEU A 295 -15.28 -4.00 0.57
N SER A 296 -14.50 -4.32 1.61
CA SER A 296 -15.09 -4.71 2.88
C SER A 296 -15.85 -3.55 3.51
N ASP A 297 -15.30 -2.34 3.44
CA ASP A 297 -15.99 -1.18 3.99
C ASP A 297 -17.33 -0.94 3.29
N SER A 298 -17.32 -1.00 1.96
CA SER A 298 -18.56 -0.80 1.22
C SER A 298 -19.59 -1.86 1.58
N LEU A 299 -19.17 -3.13 1.64
CA LEU A 299 -20.09 -4.21 1.95
C LEU A 299 -20.69 -4.04 3.33
N SER A 300 -19.84 -3.73 4.33
CA SER A 300 -20.32 -3.58 5.69
C SER A 300 -21.23 -2.37 5.82
N GLU A 301 -20.98 -1.30 5.06
CA GLU A 301 -21.82 -0.13 5.15
C GLU A 301 -23.16 -0.31 4.44
N ASN A 302 -23.22 -1.15 3.41
CA ASN A 302 -24.44 -1.23 2.62
C ASN A 302 -25.34 -2.41 2.95
N LEU A 303 -24.81 -3.53 3.44
CA LEU A 303 -25.65 -4.71 3.65
C LEU A 303 -26.71 -4.47 4.73
N SER A 304 -26.30 -3.87 5.85
CA SER A 304 -27.24 -3.62 6.95
C SER A 304 -28.33 -2.64 6.51
N LEU A 305 -27.94 -1.59 5.81
CA LEU A 305 -28.91 -0.60 5.34
C LEU A 305 -29.91 -1.25 4.40
N PHE A 306 -29.42 -2.08 3.48
CA PHE A 306 -30.29 -2.79 2.56
C PHE A 306 -31.30 -3.65 3.30
N LEU A 307 -30.83 -4.46 4.26
CA LEU A 307 -31.74 -5.36 4.96
C LEU A 307 -32.77 -4.58 5.78
N TRP A 308 -32.33 -3.54 6.49
CA TRP A 308 -33.25 -2.76 7.31
C TRP A 308 -34.36 -2.14 6.46
N TYR A 309 -33.97 -1.43 5.39
CA TYR A 309 -35.00 -0.77 4.59
C TYR A 309 -35.84 -1.76 3.81
N LEU A 310 -35.29 -2.92 3.43
CA LEU A 310 -36.10 -3.93 2.77
C LEU A 310 -37.19 -4.45 3.70
N VAL A 311 -36.83 -4.75 4.95
CA VAL A 311 -37.84 -5.26 5.89
C VAL A 311 -38.88 -4.19 6.19
N ARG A 312 -38.44 -2.94 6.39
CA ARG A 312 -39.41 -1.89 6.68
C ARG A 312 -40.34 -1.63 5.50
N GLY A 313 -39.79 -1.69 4.28
CA GLY A 313 -40.64 -1.57 3.10
C GLY A 313 -41.65 -2.69 2.99
N LEU A 314 -41.25 -3.92 3.33
CA LEU A 314 -42.20 -5.02 3.31
C LEU A 314 -43.32 -4.80 4.32
N CYS A 315 -42.99 -4.31 5.52
CA CYS A 315 -44.03 -4.03 6.51
C CYS A 315 -44.98 -2.95 6.03
N LEU A 316 -44.44 -1.87 5.46
CA LEU A 316 -45.28 -0.80 4.94
C LEU A 316 -46.14 -1.30 3.78
N LEU A 317 -45.60 -2.18 2.95
CA LEU A 317 -46.37 -2.75 1.85
C LEU A 317 -47.52 -3.59 2.39
N GLY A 318 -47.30 -4.34 3.46
CA GLY A 318 -48.40 -5.08 4.07
C GLY A 318 -49.48 -4.17 4.61
N ILE A 319 -49.08 -3.08 5.27
CA ILE A 319 -50.07 -2.13 5.79
C ILE A 319 -50.87 -1.52 4.64
N MET A 320 -50.18 -1.17 3.55
CA MET A 320 -50.87 -0.62 2.38
C MET A 320 -51.82 -1.63 1.77
N LEU A 321 -51.40 -2.90 1.70
CA LEU A 321 -52.29 -3.98 1.28
C LEU A 321 -53.56 -3.99 2.11
N TRP A 322 -53.43 -3.81 3.42
CA TRP A 322 -54.60 -3.70 4.27
C TRP A 322 -55.45 -2.49 3.89
N GLY A 323 -54.79 -1.35 3.64
CA GLY A 323 -55.54 -0.13 3.36
C GLY A 323 -56.33 -0.19 2.07
N SER A 324 -55.70 -0.66 1.00
CA SER A 324 -56.34 -0.74 -0.30
C SER A 324 -55.55 -1.69 -1.18
N VAL A 325 -56.27 -2.44 -2.03
CA VAL A 325 -55.63 -3.45 -2.86
C VAL A 325 -55.33 -2.92 -4.26
N SER A 326 -56.23 -2.12 -4.83
CA SER A 326 -56.04 -1.65 -6.20
C SER A 326 -54.89 -0.66 -6.30
N LEU A 327 -54.86 0.34 -5.41
CA LEU A 327 -53.84 1.38 -5.51
C LEU A 327 -52.45 0.83 -5.23
N THR A 328 -52.32 -0.07 -4.25
CA THR A 328 -51.02 -0.69 -3.99
C THR A 328 -50.60 -1.58 -5.14
N MET A 329 -51.55 -2.23 -5.83
CA MET A 329 -51.20 -3.00 -7.02
C MET A 329 -50.70 -2.08 -8.12
N VAL A 330 -51.31 -0.90 -8.27
CA VAL A 330 -50.82 0.08 -9.22
C VAL A 330 -49.39 0.49 -8.87
N THR A 331 -49.14 0.73 -7.58
CA THR A 331 -47.79 1.10 -7.14
C THR A 331 -46.79 0.00 -7.48
N LEU A 332 -47.15 -1.25 -7.21
CA LEU A 332 -46.25 -2.36 -7.50
C LEU A 332 -46.03 -2.52 -9.01
N ILE A 333 -47.03 -2.18 -9.81
CA ILE A 333 -46.87 -2.25 -11.26
C ILE A 333 -45.90 -1.19 -11.75
N THR A 334 -46.05 0.05 -11.26
CA THR A 334 -45.17 1.11 -11.75
C THR A 334 -43.80 1.10 -11.10
N LEU A 335 -43.61 0.34 -10.02
CA LEU A 335 -42.32 0.35 -9.33
C LEU A 335 -41.15 -0.16 -10.18
N PRO A 336 -41.24 -1.27 -10.90
CA PRO A 336 -40.06 -1.75 -11.65
C PRO A 336 -39.58 -0.80 -12.73
N LEU A 337 -40.43 0.11 -13.21
CA LEU A 337 -40.02 1.06 -14.22
C LEU A 337 -38.93 2.00 -13.74
N LEU A 338 -38.82 2.21 -12.42
CA LEU A 338 -37.83 3.15 -11.90
C LEU A 338 -36.42 2.57 -11.99
N PHE A 339 -36.28 1.25 -11.97
CA PHE A 339 -34.98 0.59 -11.97
C PHE A 339 -34.38 0.45 -13.36
N LEU A 340 -35.08 0.85 -14.41
CA LEU A 340 -34.56 0.69 -15.76
C LEU A 340 -33.35 1.59 -15.96
N LEU A 341 -33.47 2.86 -15.55
CA LEU A 341 -32.35 3.79 -15.71
C LEU A 341 -31.09 3.30 -14.98
N PRO A 342 -31.15 2.93 -13.69
CA PRO A 342 -29.96 2.32 -13.07
C PRO A 342 -29.37 1.12 -13.79
N LYS A 343 -30.20 0.20 -14.30
CA LYS A 343 -29.68 -0.95 -15.02
C LYS A 343 -28.90 -0.53 -16.24
N LYS A 344 -29.42 0.44 -17.01
CA LYS A 344 -28.73 0.88 -18.21
C LYS A 344 -27.41 1.56 -17.86
N VAL A 345 -27.38 2.32 -16.77
CA VAL A 345 -26.22 3.14 -16.45
C VAL A 345 -25.13 2.34 -15.71
N GLY A 346 -25.49 1.27 -15.01
CA GLY A 346 -24.60 0.68 -14.01
C GLY A 346 -23.20 0.37 -14.47
N LYS A 347 -23.04 -0.03 -15.73
CA LYS A 347 -21.71 -0.43 -16.22
C LYS A 347 -20.73 0.73 -16.17
N TRP A 348 -21.24 1.96 -16.22
CA TRP A 348 -20.42 3.15 -16.13
C TRP A 348 -19.61 3.17 -14.84
N TYR A 349 -20.26 2.89 -13.71
CA TYR A 349 -19.58 2.97 -12.42
C TYR A 349 -18.47 1.93 -12.32
N GLN A 350 -18.72 0.72 -12.82
CA GLN A 350 -17.67 -0.31 -12.83
C GLN A 350 -16.46 0.17 -13.63
N LEU A 351 -16.70 0.64 -14.86
CA LEU A 351 -15.60 1.01 -15.73
C LEU A 351 -14.83 2.19 -15.16
N LEU A 352 -15.52 3.11 -14.49
CA LEU A 352 -14.85 4.27 -13.90
C LEU A 352 -14.04 3.90 -12.67
N GLU A 353 -14.60 3.04 -11.81
CA GLU A 353 -13.91 2.67 -10.58
C GLU A 353 -12.66 1.85 -10.88
N VAL A 354 -12.72 0.99 -11.90
CA VAL A 354 -11.53 0.23 -12.30
C VAL A 354 -10.38 1.19 -12.61
N GLN A 355 -10.65 2.22 -13.39
CA GLN A 355 -9.62 3.19 -13.76
C GLN A 355 -9.10 3.92 -12.53
N VAL A 356 -9.99 4.29 -11.62
CA VAL A 356 -9.56 4.98 -10.39
C VAL A 356 -8.58 4.10 -9.62
N ARG A 357 -8.91 2.82 -9.47
CA ARG A 357 -8.03 1.92 -8.73
C ARG A 357 -6.69 1.77 -9.43
N GLU A 358 -6.68 1.65 -10.76
CA GLU A 358 -5.43 1.50 -11.49
C GLU A 358 -4.53 2.73 -11.28
N SER A 359 -5.10 3.93 -11.37
CA SER A 359 -4.30 5.13 -11.19
C SER A 359 -3.74 5.20 -9.77
N LEU A 360 -4.55 4.84 -8.77
CA LEU A 360 -4.05 4.84 -7.40
C LEU A 360 -2.89 3.86 -7.23
N ALA A 361 -3.00 2.67 -7.83
CA ALA A 361 -1.92 1.69 -7.73
C ALA A 361 -0.65 2.21 -8.38
N LYS A 362 -0.77 2.87 -9.53
CA LYS A 362 0.42 3.43 -10.19
C LYS A 362 1.09 4.48 -9.33
N SER A 363 0.29 5.36 -8.71
CA SER A 363 0.88 6.37 -7.83
C SER A 363 1.59 5.72 -6.64
N SER A 364 0.99 4.66 -6.08
CA SER A 364 1.62 3.96 -4.97
C SER A 364 2.95 3.34 -5.39
N GLN A 365 2.99 2.76 -6.59
CA GLN A 365 4.25 2.19 -7.09
C GLN A 365 5.33 3.26 -7.22
N VAL A 366 4.97 4.41 -7.78
CA VAL A 366 5.94 5.50 -7.90
C VAL A 366 6.45 5.91 -6.53
N ALA A 367 5.56 6.06 -5.56
CA ALA A 367 5.96 6.49 -4.22
C ALA A 367 6.90 5.47 -3.57
N ILE A 368 6.58 4.17 -3.69
CA ILE A 368 7.42 3.14 -3.07
C ILE A 368 8.80 3.13 -3.71
N GLU A 369 8.85 3.16 -5.05
CA GLU A 369 10.13 3.08 -5.73
C GLU A 369 10.97 4.33 -5.50
N ALA A 370 10.35 5.47 -5.23
CA ALA A 370 11.12 6.66 -4.90
C ALA A 370 11.61 6.63 -3.46
N LEU A 371 10.77 6.19 -2.52
CA LEU A 371 11.16 6.22 -1.11
C LEU A 371 12.22 5.17 -0.80
N SER A 372 12.16 4.01 -1.43
CA SER A 372 13.30 3.11 -1.38
C SER A 372 14.43 3.67 -2.24
N ALA A 373 15.66 3.28 -1.92
CA ALA A 373 16.84 3.77 -2.62
C ALA A 373 16.93 5.30 -2.59
N MET A 374 16.62 5.87 -1.43
CA MET A 374 16.78 7.32 -1.26
C MET A 374 18.20 7.85 -1.45
N PRO A 375 19.27 7.18 -1.02
CA PRO A 375 20.61 7.74 -1.26
C PRO A 375 20.92 7.95 -2.74
N THR A 376 20.40 7.12 -3.63
CA THR A 376 20.63 7.32 -5.05
C THR A 376 19.89 8.53 -5.58
N VAL A 377 18.66 8.76 -5.11
CA VAL A 377 17.93 9.98 -5.47
C VAL A 377 18.65 11.20 -4.95
N ARG A 378 19.09 11.16 -3.68
CA ARG A 378 19.77 12.28 -3.07
C ARG A 378 21.06 12.62 -3.81
N SER A 379 21.85 11.60 -4.15
CA SER A 379 23.17 11.84 -4.73
C SER A 379 23.12 12.35 -6.16
N PHE A 380 21.97 12.32 -6.80
CA PHE A 380 21.77 12.96 -8.10
C PHE A 380 20.81 14.13 -8.04
N ALA A 381 20.40 14.54 -6.83
CA ALA A 381 19.56 15.73 -6.63
C ALA A 381 18.26 15.66 -7.44
N ASN A 382 17.63 14.49 -7.45
CA ASN A 382 16.48 14.24 -8.29
C ASN A 382 15.15 14.22 -7.52
N GLU A 383 15.07 14.88 -6.36
CA GLU A 383 13.81 14.92 -5.64
C GLU A 383 12.70 15.55 -6.48
N GLU A 384 13.05 16.60 -7.25
CA GLU A 384 12.06 17.27 -8.09
C GLU A 384 11.48 16.33 -9.14
N GLY A 385 12.32 15.48 -9.74
CA GLY A 385 11.82 14.53 -10.72
C GLY A 385 10.83 13.54 -10.12
N GLU A 386 11.14 13.04 -8.93
CA GLU A 386 10.24 12.10 -8.27
C GLU A 386 8.92 12.78 -7.89
N ALA A 387 8.99 14.01 -7.41
CA ALA A 387 7.76 14.75 -7.11
C ALA A 387 6.94 14.98 -8.36
N GLN A 388 7.58 15.31 -9.48
CA GLN A 388 6.86 15.50 -10.73
C GLN A 388 6.20 14.21 -11.18
N LYS A 389 6.89 13.07 -11.04
CA LYS A 389 6.27 11.78 -11.37
C LYS A 389 5.02 11.57 -10.54
N PHE A 390 5.11 11.82 -9.24
CA PHE A 390 3.98 11.58 -8.35
C PHE A 390 2.81 12.49 -8.72
N ARG A 391 3.09 13.76 -9.01
CA ARG A 391 2.03 14.68 -9.42
C ARG A 391 1.39 14.25 -10.73
N GLU A 392 2.20 13.78 -11.68
CA GLU A 392 1.66 13.26 -12.94
C GLU A 392 0.71 12.10 -12.68
N LYS A 393 1.01 11.26 -11.70
CA LYS A 393 0.06 10.20 -11.35
C LYS A 393 -1.17 10.73 -10.64
N LEU A 394 -1.05 11.82 -9.87
CA LEU A 394 -2.22 12.38 -9.20
C LEU A 394 -3.19 13.03 -10.18
N GLN A 395 -2.69 13.56 -11.29
CA GLN A 395 -3.57 14.24 -12.26
C GLN A 395 -4.65 13.31 -12.81
N GLU A 396 -4.31 12.05 -13.08
CA GLU A 396 -5.30 11.12 -13.62
C GLU A 396 -6.42 10.87 -12.61
N ILE A 397 -6.07 10.71 -11.33
CA ILE A 397 -7.07 10.52 -10.30
C ILE A 397 -7.96 11.74 -10.20
N LYS A 398 -7.38 12.94 -10.31
CA LYS A 398 -8.19 14.16 -10.31
C LYS A 398 -9.20 14.17 -11.46
N THR A 399 -8.74 13.80 -12.66
CA THR A 399 -9.61 13.77 -13.82
C THR A 399 -10.75 12.77 -13.64
N LEU A 400 -10.46 11.62 -13.03
CA LEU A 400 -11.53 10.64 -12.79
C LEU A 400 -12.48 11.12 -11.69
N ASN A 401 -11.95 11.83 -10.69
CA ASN A 401 -12.80 12.32 -9.61
C ASN A 401 -13.82 13.33 -10.10
N GLN A 402 -13.46 14.14 -11.10
CA GLN A 402 -14.44 15.07 -11.66
C GLN A 402 -15.64 14.31 -12.23
N LYS A 403 -15.38 13.26 -13.00
CA LYS A 403 -16.46 12.45 -13.57
C LYS A 403 -17.28 11.78 -12.47
N GLU A 404 -16.62 11.29 -11.42
CA GLU A 404 -17.36 10.68 -10.32
C GLU A 404 -18.32 11.67 -9.67
N ALA A 405 -17.86 12.91 -9.46
CA ALA A 405 -18.73 13.91 -8.86
C ALA A 405 -19.93 14.22 -9.75
N VAL A 406 -19.70 14.39 -11.05
CA VAL A 406 -20.82 14.68 -11.96
C VAL A 406 -21.82 13.53 -11.96
N ALA A 407 -21.32 12.29 -12.00
CA ALA A 407 -22.22 11.13 -11.99
C ALA A 407 -23.01 11.06 -10.69
N TYR A 408 -22.39 11.40 -9.57
CA TYR A 408 -23.11 11.41 -8.29
C TYR A 408 -24.25 12.41 -8.31
N ALA A 409 -23.99 13.63 -8.82
CA ALA A 409 -25.05 14.63 -8.89
C ALA A 409 -26.20 14.17 -9.78
N VAL A 410 -25.87 13.61 -10.95
CA VAL A 410 -26.92 13.17 -11.88
C VAL A 410 -27.74 12.05 -11.26
N ASN A 411 -27.08 11.10 -10.59
CA ASN A 411 -27.81 10.02 -9.95
C ASN A 411 -28.73 10.52 -8.85
N SER A 412 -28.27 11.52 -8.08
CA SER A 412 -29.15 12.09 -7.06
C SER A 412 -30.39 12.71 -7.68
N TRP A 413 -30.21 13.47 -8.78
CA TRP A 413 -31.36 14.03 -9.48
C TRP A 413 -32.33 12.93 -9.90
N THR A 414 -31.81 11.88 -10.54
CA THR A 414 -32.69 10.84 -11.07
C THR A 414 -33.46 10.14 -9.96
N THR A 415 -32.79 9.83 -8.84
CA THR A 415 -33.48 9.16 -7.74
C THR A 415 -34.59 10.04 -7.17
N SER A 416 -34.30 11.34 -6.96
CA SER A 416 -35.32 12.22 -6.40
C SER A 416 -36.51 12.36 -7.33
N ILE A 417 -36.26 12.50 -8.64
CA ILE A 417 -37.37 12.65 -9.59
C ILE A 417 -38.17 11.36 -9.67
N SER A 418 -37.52 10.20 -9.61
CA SER A 418 -38.25 8.94 -9.63
C SER A 418 -39.17 8.83 -8.42
N GLY A 419 -38.67 9.17 -7.24
CA GLY A 419 -39.52 9.14 -6.06
C GLY A 419 -40.69 10.10 -6.15
N MET A 420 -40.44 11.32 -6.62
CA MET A 420 -41.52 12.30 -6.76
C MET A 420 -42.59 11.80 -7.73
N LEU A 421 -42.16 11.27 -8.88
CA LEU A 421 -43.13 10.79 -9.86
C LEU A 421 -43.94 9.62 -9.31
N LEU A 422 -43.29 8.70 -8.58
CA LEU A 422 -44.02 7.57 -8.02
C LEU A 422 -45.07 8.05 -7.03
N LYS A 423 -44.71 9.02 -6.19
CA LYS A 423 -45.68 9.55 -5.22
C LYS A 423 -46.84 10.25 -5.93
N VAL A 424 -46.52 11.13 -6.88
CA VAL A 424 -47.53 12.00 -7.48
C VAL A 424 -48.48 11.20 -8.36
N GLY A 425 -47.99 10.16 -9.04
CA GLY A 425 -48.89 9.37 -9.86
C GLY A 425 -49.98 8.70 -9.04
N ILE A 426 -49.61 8.09 -7.91
CA ILE A 426 -50.59 7.48 -7.02
C ILE A 426 -51.53 8.54 -6.45
N LEU A 427 -50.97 9.69 -6.04
CA LEU A 427 -51.81 10.74 -5.50
C LEU A 427 -52.85 11.19 -6.52
N TYR A 428 -52.44 11.32 -7.79
CA TYR A 428 -53.36 11.77 -8.83
C TYR A 428 -54.43 10.73 -9.12
N ILE A 429 -54.05 9.46 -9.27
CA ILE A 429 -55.06 8.46 -9.59
C ILE A 429 -56.06 8.34 -8.43
N GLY A 430 -55.57 8.44 -7.19
CA GLY A 430 -56.48 8.39 -6.06
C GLY A 430 -57.42 9.57 -6.00
N GLY A 431 -56.90 10.77 -6.26
CA GLY A 431 -57.75 11.96 -6.24
C GLY A 431 -58.81 11.96 -7.31
N GLN A 432 -58.60 11.23 -8.40
CA GLN A 432 -59.63 11.06 -9.42
C GLN A 432 -60.58 9.92 -9.10
N LEU A 433 -60.08 8.85 -8.47
CA LEU A 433 -60.93 7.72 -8.11
C LEU A 433 -61.91 8.08 -7.00
N VAL A 434 -61.51 8.96 -6.07
CA VAL A 434 -62.40 9.30 -4.97
C VAL A 434 -63.63 10.04 -5.47
N THR A 435 -63.49 10.86 -6.51
CA THR A 435 -64.62 11.64 -7.02
C THR A 435 -65.74 10.73 -7.52
N SER A 436 -65.39 9.64 -8.20
CA SER A 436 -66.40 8.72 -8.72
C SER A 436 -67.16 7.98 -7.63
N GLY A 437 -66.71 8.04 -6.38
CA GLY A 437 -67.40 7.41 -5.28
C GLY A 437 -67.10 5.95 -5.08
N ALA A 438 -66.20 5.37 -5.87
CA ALA A 438 -65.86 3.96 -5.73
C ALA A 438 -64.97 3.68 -4.54
N VAL A 439 -64.45 4.71 -3.86
CA VAL A 439 -63.56 4.56 -2.73
C VAL A 439 -64.02 5.50 -1.61
N SER A 440 -63.26 5.52 -0.52
CA SER A 440 -63.57 6.33 0.64
C SER A 440 -62.46 7.35 0.88
N SER A 441 -62.82 8.47 1.51
CA SER A 441 -61.85 9.54 1.74
C SER A 441 -60.81 9.13 2.78
N GLY A 442 -61.26 8.60 3.91
CA GLY A 442 -60.32 8.25 4.98
C GLY A 442 -59.36 7.14 4.59
N ASN A 443 -59.87 6.13 3.89
CA ASN A 443 -59.00 5.04 3.45
C ASN A 443 -57.91 5.55 2.51
N LEU A 444 -58.28 6.44 1.58
CA LEU A 444 -57.28 6.99 0.67
C LEU A 444 -56.29 7.88 1.40
N VAL A 445 -56.76 8.63 2.40
CA VAL A 445 -55.84 9.46 3.18
C VAL A 445 -54.81 8.60 3.88
N THR A 446 -55.26 7.52 4.53
CA THR A 446 -54.32 6.62 5.19
C THR A 446 -53.38 5.97 4.19
N PHE A 447 -53.91 5.56 3.03
CA PHE A 447 -53.08 4.90 2.03
C PHE A 447 -51.97 5.81 1.54
N VAL A 448 -52.29 7.07 1.24
CA VAL A 448 -51.25 7.97 0.78
C VAL A 448 -50.29 8.31 1.91
N LEU A 449 -50.79 8.38 3.15
CA LEU A 449 -49.92 8.65 4.29
C LEU A 449 -48.85 7.58 4.43
N TYR A 450 -49.23 6.32 4.23
CA TYR A 450 -48.23 5.24 4.25
C TYR A 450 -47.42 5.18 2.95
N GLN A 451 -48.01 5.63 1.84
CA GLN A 451 -47.33 5.63 0.56
C GLN A 451 -46.17 6.61 0.67
N MET A 452 -46.35 7.68 1.46
CA MET A 452 -45.22 8.59 1.69
C MET A 452 -43.96 7.82 2.13
N GLN A 453 -44.08 7.05 3.20
CA GLN A 453 -42.96 6.27 3.69
C GLN A 453 -42.47 5.14 2.80
N PHE A 454 -43.40 4.48 2.09
CA PHE A 454 -42.99 3.44 1.16
C PHE A 454 -42.10 4.00 0.05
N THR A 455 -42.45 5.19 -0.46
CA THR A 455 -41.60 5.81 -1.49
C THR A 455 -40.25 6.22 -0.93
N GLN A 456 -40.20 6.65 0.35
CA GLN A 456 -38.91 6.96 0.95
C GLN A 456 -38.01 5.72 1.00
N ALA A 457 -38.57 4.59 1.42
CA ALA A 457 -37.80 3.34 1.43
C ALA A 457 -37.36 2.96 0.02
N VAL A 458 -38.25 3.12 -0.96
CA VAL A 458 -37.91 2.82 -2.35
C VAL A 458 -36.76 3.70 -2.82
N GLU A 459 -36.76 4.97 -2.43
CA GLU A 459 -35.67 5.86 -2.79
C GLU A 459 -34.34 5.37 -2.21
N VAL A 460 -34.35 4.94 -0.95
CA VAL A 460 -33.10 4.43 -0.36
C VAL A 460 -32.62 3.19 -1.11
N LEU A 461 -33.53 2.27 -1.42
CA LEU A 461 -33.12 1.06 -2.15
C LEU A 461 -32.62 1.40 -3.55
N LEU A 462 -33.16 2.44 -4.18
CA LEU A 462 -32.61 2.90 -5.44
C LEU A 462 -31.21 3.49 -5.26
N SER A 463 -30.97 4.16 -4.14
CA SER A 463 -29.65 4.73 -3.88
C SER A 463 -28.60 3.65 -3.71
N ILE A 464 -28.99 2.48 -3.18
CA ILE A 464 -27.99 1.44 -2.92
C ILE A 464 -27.34 0.91 -4.20
N TYR A 465 -28.10 0.80 -5.29
CA TYR A 465 -27.62 0.07 -6.48
C TYR A 465 -26.32 0.61 -7.07
N PRO A 466 -26.15 1.91 -7.30
CA PRO A 466 -24.87 2.39 -7.84
C PRO A 466 -23.69 2.07 -6.95
N ARG A 467 -23.89 2.06 -5.63
CA ARG A 467 -22.81 1.70 -4.73
C ARG A 467 -22.39 0.25 -4.92
N VAL A 468 -23.36 -0.64 -5.15
CA VAL A 468 -23.05 -2.04 -5.41
C VAL A 468 -22.27 -2.17 -6.72
N GLN A 469 -22.67 -1.42 -7.75
CA GLN A 469 -21.91 -1.45 -8.99
C GLN A 469 -20.48 -0.95 -8.79
N LYS A 470 -20.31 0.12 -8.00
CA LYS A 470 -18.98 0.63 -7.70
C LYS A 470 -18.14 -0.42 -6.98
N ALA A 471 -18.74 -1.12 -6.02
CA ALA A 471 -18.03 -2.17 -5.29
C ALA A 471 -17.61 -3.29 -6.22
N VAL A 472 -18.50 -3.71 -7.12
CA VAL A 472 -18.17 -4.73 -8.11
C VAL A 472 -16.98 -4.26 -8.95
N GLY A 473 -16.98 -2.99 -9.34
CA GLY A 473 -15.88 -2.47 -10.14
C GLY A 473 -14.57 -2.44 -9.40
N SER A 474 -14.60 -2.13 -8.10
CA SER A 474 -13.36 -1.95 -7.34
C SER A 474 -12.65 -3.26 -7.02
N SER A 475 -13.36 -4.39 -7.07
CA SER A 475 -12.79 -5.67 -6.67
C SER A 475 -12.42 -6.55 -7.85
N GLU A 476 -12.33 -5.98 -9.06
CA GLU A 476 -12.06 -6.79 -10.24
C GLU A 476 -10.68 -7.42 -10.19
N LYS A 477 -9.67 -6.63 -9.81
CA LYS A 477 -8.29 -7.12 -9.86
C LYS A 477 -8.03 -8.17 -8.80
N ILE A 478 -8.55 -7.97 -7.58
CA ILE A 478 -8.29 -8.94 -6.52
C ILE A 478 -8.98 -10.27 -6.83
N PHE A 479 -10.16 -10.23 -7.45
CA PHE A 479 -10.81 -11.47 -7.83
C PHE A 479 -10.11 -12.13 -9.01
N GLU A 480 -9.52 -11.34 -9.91
CA GLU A 480 -8.68 -11.92 -10.95
C GLU A 480 -7.47 -12.62 -10.33
N TYR A 481 -6.87 -12.02 -9.29
CA TYR A 481 -5.79 -12.68 -8.57
C TYR A 481 -6.27 -13.98 -7.95
N LEU A 482 -7.43 -13.95 -7.31
CA LEU A 482 -7.94 -15.15 -6.63
C LEU A 482 -8.22 -16.28 -7.61
N ASP A 483 -8.81 -15.96 -8.75
CA ASP A 483 -9.22 -16.99 -9.71
C ASP A 483 -8.12 -17.33 -10.72
N ARG A 484 -6.95 -16.72 -10.62
CA ARG A 484 -5.89 -16.98 -11.57
C ARG A 484 -5.31 -18.38 -11.38
N THR A 485 -4.88 -18.99 -12.49
CA THR A 485 -4.25 -20.30 -12.46
C THR A 485 -2.75 -20.14 -12.64
N PRO A 486 -1.92 -20.50 -11.66
CA PRO A 486 -0.48 -20.34 -11.82
C PRO A 486 0.05 -21.16 -12.99
N ARG A 487 0.97 -20.56 -13.74
CA ARG A 487 1.58 -21.20 -14.90
C ARG A 487 2.90 -21.87 -14.54
N CYS A 488 2.88 -22.73 -13.53
CA CYS A 488 4.06 -23.44 -13.06
C CYS A 488 3.61 -24.76 -12.44
N PRO A 489 4.39 -25.82 -12.58
CA PRO A 489 3.98 -27.10 -12.00
C PRO A 489 3.90 -27.01 -10.50
N PRO A 490 2.95 -27.72 -9.89
CA PRO A 490 2.79 -27.69 -8.43
C PRO A 490 3.83 -28.56 -7.75
N SER A 491 3.80 -28.55 -6.43
CA SER A 491 4.75 -29.31 -5.64
C SER A 491 4.49 -30.81 -5.75
N GLY A 492 5.52 -31.60 -5.53
CA GLY A 492 5.45 -33.04 -5.61
C GLY A 492 5.17 -33.69 -4.27
N LEU A 493 5.67 -34.92 -4.12
CA LEU A 493 5.46 -35.70 -2.90
C LEU A 493 6.72 -36.31 -2.31
N LEU A 494 7.81 -36.40 -3.08
CA LEU A 494 8.98 -37.16 -2.63
C LEU A 494 9.77 -36.39 -1.59
N THR A 495 10.09 -37.07 -0.48
CA THR A 495 11.03 -36.55 0.53
C THR A 495 11.92 -37.70 1.00
N PRO A 496 12.84 -38.15 0.15
CA PRO A 496 13.69 -39.29 0.52
C PRO A 496 14.57 -38.98 1.73
N LEU A 497 14.83 -40.02 2.52
CA LEU A 497 15.75 -39.87 3.64
C LEU A 497 17.19 -39.70 3.16
N HIS A 498 17.58 -40.45 2.12
CA HIS A 498 18.92 -40.41 1.57
C HIS A 498 18.90 -39.70 0.22
N LEU A 499 19.72 -38.67 0.08
CA LEU A 499 19.86 -37.96 -1.18
C LEU A 499 21.33 -37.70 -1.45
N GLU A 500 21.78 -38.01 -2.67
CA GLU A 500 23.19 -37.87 -3.01
C GLU A 500 23.55 -36.43 -3.34
N GLY A 501 22.69 -35.74 -4.09
CA GLY A 501 23.06 -34.46 -4.68
C GLY A 501 23.63 -34.57 -6.06
N LEU A 502 23.28 -35.62 -6.81
CA LEU A 502 23.72 -35.80 -8.19
C LEU A 502 22.78 -35.04 -9.11
N VAL A 503 23.29 -34.03 -9.80
CA VAL A 503 22.50 -33.19 -10.68
C VAL A 503 22.96 -33.41 -12.11
N GLN A 504 22.02 -33.65 -13.01
CA GLN A 504 22.30 -33.87 -14.42
C GLN A 504 21.52 -32.88 -15.27
N PHE A 505 22.22 -32.14 -16.11
CA PHE A 505 21.61 -31.34 -17.17
C PHE A 505 21.67 -32.16 -18.46
N GLN A 506 20.54 -32.28 -19.14
CA GLN A 506 20.45 -33.09 -20.35
C GLN A 506 19.86 -32.25 -21.48
N ASP A 507 20.72 -31.57 -22.24
CA ASP A 507 20.33 -30.76 -23.39
C ASP A 507 19.31 -29.70 -22.97
N VAL A 508 19.71 -28.88 -22.00
CA VAL A 508 18.83 -27.87 -21.44
C VAL A 508 18.92 -26.59 -22.24
N SER A 509 17.77 -26.05 -22.64
CA SER A 509 17.68 -24.75 -23.29
C SER A 509 16.55 -23.97 -22.65
N PHE A 510 16.71 -22.64 -22.59
CA PHE A 510 15.75 -21.81 -21.87
C PHE A 510 15.66 -20.44 -22.53
N ALA A 511 14.45 -19.89 -22.51
CA ALA A 511 14.17 -18.53 -22.96
C ALA A 511 13.18 -17.90 -22.01
N TYR A 512 13.46 -16.66 -21.59
CA TYR A 512 12.62 -16.02 -20.59
C TYR A 512 11.22 -15.77 -21.13
N PRO A 513 10.18 -15.95 -20.30
CA PRO A 513 8.81 -15.80 -20.81
C PRO A 513 8.50 -14.41 -21.35
N ASN A 514 9.08 -13.35 -20.78
CA ASN A 514 8.80 -12.01 -21.26
C ASN A 514 9.47 -11.70 -22.60
N ARG A 515 10.39 -12.56 -23.05
CA ARG A 515 11.00 -12.42 -24.38
C ARG A 515 11.31 -13.82 -24.90
N PRO A 516 10.27 -14.56 -25.32
CA PRO A 516 10.48 -15.98 -25.69
C PRO A 516 11.20 -16.19 -27.01
N ASP A 517 11.40 -15.14 -27.81
CA ASP A 517 12.00 -15.32 -29.13
C ASP A 517 13.50 -15.58 -29.06
N VAL A 518 14.16 -15.20 -27.97
CA VAL A 518 15.62 -15.27 -27.87
C VAL A 518 15.97 -16.35 -26.85
N LEU A 519 16.79 -17.32 -27.27
CA LEU A 519 17.24 -18.37 -26.37
C LEU A 519 18.45 -17.90 -25.58
N VAL A 520 18.36 -18.01 -24.25
CA VAL A 520 19.46 -17.62 -23.39
C VAL A 520 20.47 -18.76 -23.19
N LEU A 521 19.99 -20.00 -23.20
CA LEU A 521 20.85 -21.17 -23.06
C LEU A 521 20.54 -22.14 -24.19
N GLN A 522 21.57 -22.84 -24.67
CA GLN A 522 21.45 -23.70 -25.85
C GLN A 522 22.20 -25.01 -25.61
N GLY A 523 21.46 -26.07 -25.28
CA GLY A 523 22.01 -27.40 -25.23
C GLY A 523 23.09 -27.65 -24.20
N LEU A 524 22.89 -27.21 -22.97
CA LEU A 524 23.83 -27.50 -21.89
C LEU A 524 23.74 -28.97 -21.50
N THR A 525 24.91 -29.58 -21.24
CA THR A 525 24.96 -30.98 -20.84
C THR A 525 26.17 -31.16 -19.93
N PHE A 526 25.92 -31.24 -18.62
CA PHE A 526 26.98 -31.45 -17.65
C PHE A 526 26.38 -32.05 -16.40
N THR A 527 27.24 -32.62 -15.56
CA THR A 527 26.81 -33.37 -14.38
C THR A 527 27.58 -32.88 -13.16
N LEU A 528 26.86 -32.65 -12.06
CA LEU A 528 27.45 -32.32 -10.78
C LEU A 528 27.43 -33.55 -9.89
N ARG A 529 28.60 -33.93 -9.36
CA ARG A 529 28.70 -35.11 -8.53
C ARG A 529 29.19 -34.75 -7.13
N PRO A 530 28.72 -35.47 -6.11
CA PRO A 530 29.13 -35.15 -4.74
C PRO A 530 30.63 -35.28 -4.54
N GLY A 531 31.18 -34.42 -3.70
CA GLY A 531 32.60 -34.42 -3.44
C GLY A 531 33.45 -33.72 -4.46
N GLU A 532 32.85 -32.98 -5.39
CA GLU A 532 33.58 -32.29 -6.44
C GLU A 532 33.05 -30.87 -6.59
N VAL A 533 33.90 -30.00 -7.11
CA VAL A 533 33.56 -28.60 -7.36
C VAL A 533 33.62 -28.36 -8.85
N THR A 534 32.53 -27.84 -9.41
CA THR A 534 32.44 -27.52 -10.83
C THR A 534 32.33 -26.01 -10.99
N ALA A 535 33.22 -25.44 -11.79
CA ALA A 535 33.28 -23.99 -11.99
C ALA A 535 32.67 -23.62 -13.32
N LEU A 536 31.81 -22.61 -13.31
CA LEU A 536 31.17 -22.09 -14.51
C LEU A 536 31.63 -20.64 -14.70
N VAL A 537 32.34 -20.39 -15.81
CA VAL A 537 32.95 -19.09 -16.05
C VAL A 537 32.56 -18.59 -17.45
N GLY A 538 32.72 -17.28 -17.64
CA GLY A 538 32.44 -16.66 -18.91
C GLY A 538 32.18 -15.17 -18.81
N PRO A 539 32.03 -14.51 -19.96
CA PRO A 539 31.76 -13.07 -19.96
C PRO A 539 30.44 -12.72 -19.30
N ASN A 540 30.25 -11.42 -19.05
CA ASN A 540 29.00 -10.95 -18.51
C ASN A 540 27.85 -11.19 -19.49
N GLY A 541 26.68 -11.46 -18.96
CA GLY A 541 25.52 -11.70 -19.78
C GLY A 541 25.50 -13.04 -20.49
N SER A 542 26.39 -13.96 -20.13
CA SER A 542 26.46 -15.25 -20.81
C SER A 542 25.35 -16.20 -20.40
N GLY A 543 24.76 -16.04 -19.22
CA GLY A 543 23.71 -16.92 -18.76
C GLY A 543 24.00 -17.70 -17.50
N LYS A 544 25.06 -17.38 -16.75
CA LYS A 544 25.44 -18.17 -15.59
C LYS A 544 24.38 -18.08 -14.49
N SER A 545 23.93 -16.87 -14.18
CA SER A 545 22.87 -16.71 -13.19
C SER A 545 21.58 -17.35 -13.65
N THR A 546 21.35 -17.41 -14.96
CA THR A 546 20.18 -18.12 -15.48
C THR A 546 20.27 -19.61 -15.19
N VAL A 547 21.47 -20.19 -15.32
CA VAL A 547 21.66 -21.59 -14.95
C VAL A 547 21.43 -21.80 -13.46
N ALA A 548 21.94 -20.88 -12.64
CA ALA A 548 21.70 -20.97 -11.20
C ALA A 548 20.21 -20.87 -10.87
N ALA A 549 19.47 -20.05 -11.61
CA ALA A 549 18.04 -19.92 -11.37
C ALA A 549 17.28 -21.16 -11.81
N LEU A 550 17.68 -21.76 -12.93
CA LEU A 550 17.05 -23.01 -13.35
C LEU A 550 17.29 -24.11 -12.33
N LEU A 551 18.51 -24.20 -11.80
CA LEU A 551 18.83 -25.25 -10.84
C LEU A 551 18.03 -25.11 -9.55
N GLN A 552 17.49 -23.94 -9.26
CA GLN A 552 16.69 -23.71 -8.07
C GLN A 552 15.19 -23.86 -8.32
N ASN A 553 14.81 -24.40 -9.47
CA ASN A 553 13.41 -24.62 -9.85
C ASN A 553 12.60 -23.32 -9.88
N LEU A 554 13.27 -22.18 -10.10
CA LEU A 554 12.52 -20.93 -10.28
C LEU A 554 11.86 -20.88 -11.65
N TYR A 555 12.48 -21.49 -12.66
CA TYR A 555 11.95 -21.51 -14.02
C TYR A 555 12.04 -22.93 -14.56
N GLN A 556 11.22 -23.22 -15.56
CA GLN A 556 11.21 -24.54 -16.18
C GLN A 556 11.89 -24.49 -17.53
N PRO A 557 12.78 -25.44 -17.84
CA PRO A 557 13.41 -25.45 -19.16
C PRO A 557 12.40 -25.59 -20.28
N THR A 558 12.68 -24.95 -21.41
CA THR A 558 11.86 -25.14 -22.60
C THR A 558 12.20 -26.40 -23.37
N GLY A 559 13.34 -27.02 -23.06
CA GLY A 559 13.71 -28.27 -23.69
C GLY A 559 14.69 -29.04 -22.83
N GLY A 560 14.72 -30.34 -23.05
CA GLY A 560 15.61 -31.20 -22.28
C GLY A 560 15.11 -31.45 -20.88
N GLN A 561 15.97 -32.07 -20.08
CA GLN A 561 15.63 -32.49 -18.73
C GLN A 561 16.67 -31.98 -17.73
N LEU A 562 16.21 -31.78 -16.50
CA LEU A 562 17.07 -31.32 -15.40
C LEU A 562 16.72 -32.19 -14.19
N LEU A 563 17.61 -33.12 -13.86
CA LEU A 563 17.32 -34.17 -12.89
C LEU A 563 18.15 -34.01 -11.63
N LEU A 564 17.52 -34.21 -10.48
CA LEU A 564 18.20 -34.33 -9.20
C LEU A 564 18.16 -35.79 -8.74
N ASP A 565 19.34 -36.42 -8.68
CA ASP A 565 19.43 -37.84 -8.38
C ASP A 565 18.41 -38.65 -9.20
N GLY A 566 18.44 -38.41 -10.51
CA GLY A 566 17.59 -39.14 -11.44
C GLY A 566 16.11 -38.85 -11.54
N LYS A 567 15.60 -37.86 -10.82
CA LYS A 567 14.20 -37.50 -10.90
C LYS A 567 14.03 -36.00 -11.07
N PRO A 568 13.01 -35.57 -11.81
CA PRO A 568 12.83 -34.13 -12.05
C PRO A 568 12.58 -33.35 -10.76
N LEU A 569 13.01 -32.09 -10.77
CA LEU A 569 12.80 -31.23 -9.61
C LEU A 569 11.35 -31.10 -9.19
N PRO A 570 10.37 -30.94 -10.08
CA PRO A 570 8.98 -30.74 -9.61
C PRO A 570 8.38 -31.95 -8.91
N GLN A 571 9.06 -33.09 -8.88
CA GLN A 571 8.54 -34.24 -8.16
C GLN A 571 8.86 -34.22 -6.67
N TYR A 572 9.78 -33.37 -6.23
CA TYR A 572 10.09 -33.24 -4.81
C TYR A 572 9.20 -32.20 -4.15
N GLU A 573 8.99 -32.38 -2.85
CA GLU A 573 8.18 -31.42 -2.10
C GLU A 573 8.94 -30.11 -1.95
N HIS A 574 8.18 -29.01 -1.90
CA HIS A 574 8.75 -27.67 -2.02
C HIS A 574 9.78 -27.40 -0.93
N ARG A 575 9.34 -27.42 0.34
CA ARG A 575 10.21 -27.08 1.45
C ARG A 575 11.34 -28.07 1.63
N TYR A 576 11.20 -29.30 1.12
CA TYR A 576 12.27 -30.28 1.16
C TYR A 576 13.31 -29.99 0.08
N LEU A 577 12.85 -29.76 -1.15
CA LEU A 577 13.77 -29.47 -2.24
C LEU A 577 14.58 -28.21 -1.95
N HIS A 578 13.95 -27.20 -1.37
CA HIS A 578 14.68 -25.97 -1.05
C HIS A 578 15.43 -26.04 0.28
N ARG A 579 15.45 -27.18 0.96
CA ARG A 579 16.49 -27.41 1.94
C ARG A 579 17.66 -28.18 1.33
N GLN A 580 17.39 -29.12 0.44
CA GLN A 580 18.46 -29.90 -0.15
C GLN A 580 19.33 -29.05 -1.08
N VAL A 581 18.73 -28.06 -1.75
CA VAL A 581 19.46 -27.17 -2.64
C VAL A 581 19.42 -25.76 -2.06
N ALA A 582 20.59 -25.14 -1.91
CA ALA A 582 20.69 -23.80 -1.37
C ALA A 582 21.67 -22.98 -2.18
N ALA A 583 21.47 -21.67 -2.22
CA ALA A 583 22.27 -20.76 -3.02
C ALA A 583 22.52 -19.46 -2.26
N VAL A 584 23.53 -18.72 -2.71
CA VAL A 584 23.85 -17.42 -2.12
C VAL A 584 23.24 -16.26 -2.90
N GLY A 585 23.40 -16.25 -4.22
CA GLY A 585 22.90 -15.13 -5.00
C GLY A 585 23.97 -14.09 -5.30
N GLN A 586 23.80 -13.43 -6.45
CA GLN A 586 24.86 -12.54 -6.95
C GLN A 586 24.94 -11.25 -6.15
N GLU A 587 23.79 -10.68 -5.79
CA GLU A 587 23.73 -9.50 -4.92
C GLU A 587 22.78 -9.85 -3.78
N PRO A 588 23.29 -10.44 -2.71
CA PRO A 588 22.42 -11.03 -1.69
C PRO A 588 21.49 -10.01 -1.05
N GLN A 589 20.29 -10.47 -0.72
CA GLN A 589 19.26 -9.65 -0.09
C GLN A 589 18.97 -10.21 1.29
N VAL A 590 18.91 -9.32 2.29
CA VAL A 590 18.60 -9.70 3.66
C VAL A 590 17.36 -8.94 4.10
N PHE A 591 16.68 -9.49 5.11
CA PHE A 591 15.42 -8.95 5.59
C PHE A 591 15.63 -8.18 6.89
N GLY A 592 14.64 -7.33 7.21
CA GLY A 592 14.73 -6.48 8.38
C GLY A 592 14.39 -7.18 9.68
N ARG A 593 15.20 -8.16 10.06
CA ARG A 593 15.03 -8.91 11.29
C ARG A 593 16.39 -8.98 12.00
N SER A 594 16.44 -9.69 13.12
CA SER A 594 17.70 -9.84 13.82
C SER A 594 18.63 -10.79 13.06
N LEU A 595 19.92 -10.64 13.32
CA LEU A 595 20.91 -11.49 12.64
C LEU A 595 20.69 -12.96 12.95
N GLN A 596 20.12 -13.27 14.11
CA GLN A 596 19.78 -14.65 14.44
C GLN A 596 18.72 -15.19 13.50
N GLU A 597 17.68 -14.40 13.21
CA GLU A 597 16.61 -14.84 12.33
C GLU A 597 17.02 -14.84 10.87
N ASN A 598 17.90 -13.92 10.47
CA ASN A 598 18.33 -13.88 9.07
C ASN A 598 19.11 -15.14 8.70
N ILE A 599 19.99 -15.59 9.59
CA ILE A 599 20.75 -16.82 9.34
C ILE A 599 19.82 -18.03 9.32
N ALA A 600 18.90 -18.12 10.26
CA ALA A 600 17.99 -19.23 10.38
C ALA A 600 16.72 -19.07 9.55
N TYR A 601 16.72 -18.19 8.54
CA TYR A 601 15.51 -17.92 7.78
C TYR A 601 15.04 -19.16 7.02
N GLY A 602 13.73 -19.36 7.02
CA GLY A 602 13.09 -20.40 6.23
C GLY A 602 13.06 -21.78 6.84
N LEU A 603 13.86 -22.05 7.87
CA LEU A 603 13.87 -23.37 8.48
C LEU A 603 12.58 -23.61 9.24
N THR A 604 12.08 -24.86 9.19
CA THR A 604 10.85 -25.21 9.88
C THR A 604 11.05 -25.29 11.38
N GLN A 605 12.13 -25.91 11.83
CA GLN A 605 12.45 -26.02 13.25
C GLN A 605 13.64 -25.13 13.58
N LYS A 606 13.53 -24.37 14.65
CA LYS A 606 14.55 -23.39 15.00
C LYS A 606 15.83 -24.07 15.44
N PRO A 607 16.96 -23.82 14.80
CA PRO A 607 18.23 -24.37 15.29
C PRO A 607 18.67 -23.71 16.58
N THR A 608 19.46 -24.43 17.35
CA THR A 608 20.01 -23.89 18.58
C THR A 608 21.09 -22.86 18.28
N MET A 609 21.38 -22.02 19.29
CA MET A 609 22.41 -21.00 19.12
C MET A 609 23.78 -21.60 18.85
N GLU A 610 24.03 -22.83 19.27
CA GLU A 610 25.29 -23.49 18.97
C GLU A 610 25.46 -23.72 17.47
N GLU A 611 24.37 -24.07 16.79
CA GLU A 611 24.43 -24.29 15.36
C GLU A 611 24.62 -22.97 14.60
N ILE A 612 23.92 -21.92 15.03
CA ILE A 612 24.06 -20.62 14.38
C ILE A 612 25.48 -20.10 14.53
N THR A 613 26.07 -20.29 15.71
CA THR A 613 27.45 -19.86 15.92
C THR A 613 28.42 -20.64 15.03
N ALA A 614 28.20 -21.94 14.88
CA ALA A 614 29.04 -22.75 13.99
C ALA A 614 28.92 -22.28 12.54
N ALA A 615 27.69 -22.00 12.08
CA ALA A 615 27.51 -21.52 10.72
C ALA A 615 28.17 -20.17 10.51
N ALA A 616 28.06 -19.27 11.49
CA ALA A 616 28.71 -17.97 11.39
C ALA A 616 30.23 -18.11 11.37
N VAL A 617 30.76 -19.05 12.16
CA VAL A 617 32.21 -19.27 12.16
C VAL A 617 32.67 -19.81 10.81
N LYS A 618 31.93 -20.76 10.25
CA LYS A 618 32.33 -21.33 8.96
C LYS A 618 32.24 -20.29 7.85
N SER A 619 31.22 -19.44 7.87
CA SER A 619 31.08 -18.40 6.86
C SER A 619 32.01 -17.21 7.10
N GLY A 620 32.60 -17.09 8.28
CA GLY A 620 33.48 -15.98 8.60
C GLY A 620 32.79 -14.75 9.12
N ALA A 621 31.48 -14.79 9.36
CA ALA A 621 30.74 -13.65 9.86
C ALA A 621 30.74 -13.54 11.38
N HIS A 622 31.29 -14.53 12.08
CA HIS A 622 31.27 -14.51 13.54
C HIS A 622 32.16 -13.43 14.11
N SER A 623 33.15 -12.95 13.35
CA SER A 623 34.11 -12.00 13.90
C SER A 623 33.45 -10.66 14.21
N PHE A 624 32.63 -10.13 13.31
CA PHE A 624 32.04 -8.82 13.51
C PHE A 624 30.71 -8.87 14.25
N ILE A 625 30.00 -10.00 14.21
CA ILE A 625 28.76 -10.11 14.96
C ILE A 625 29.01 -10.04 16.45
N SER A 626 30.06 -10.72 16.92
CA SER A 626 30.40 -10.70 18.34
C SER A 626 30.81 -9.31 18.82
N GLY A 627 31.27 -8.45 17.91
CA GLY A 627 31.62 -7.09 18.30
C GLY A 627 30.44 -6.17 18.48
N LEU A 628 29.27 -6.54 17.95
CA LEU A 628 28.10 -5.70 18.11
C LEU A 628 27.60 -5.76 19.56
N PRO A 629 27.07 -4.65 20.09
CA PRO A 629 26.62 -4.66 21.49
C PRO A 629 25.55 -5.69 21.78
N GLN A 630 24.61 -5.91 20.87
CA GLN A 630 23.54 -6.87 21.07
C GLN A 630 23.84 -8.25 20.50
N GLY A 631 24.99 -8.40 19.84
CA GLY A 631 25.36 -9.71 19.32
C GLY A 631 24.41 -10.17 18.23
N TYR A 632 23.87 -11.37 18.38
CA TYR A 632 23.00 -11.96 17.38
C TYR A 632 21.57 -11.45 17.44
N ASP A 633 21.22 -10.64 18.44
CA ASP A 633 19.91 -10.04 18.54
C ASP A 633 19.85 -8.65 17.89
N THR A 634 20.90 -8.24 17.20
CA THR A 634 20.93 -6.92 16.58
C THR A 634 19.97 -6.87 15.40
N GLU A 635 19.05 -5.90 15.42
CA GLU A 635 18.08 -5.74 14.36
C GLU A 635 18.69 -4.93 13.22
N VAL A 636 18.54 -5.42 11.99
CA VAL A 636 19.02 -4.71 10.81
C VAL A 636 17.83 -4.10 10.10
N ASP A 637 18.07 -3.04 9.34
CA ASP A 637 17.01 -2.36 8.62
C ASP A 637 16.51 -3.24 7.47
N GLU A 638 15.37 -2.84 6.89
CA GLU A 638 14.70 -3.66 5.89
C GLU A 638 15.55 -3.89 4.65
N ALA A 639 16.50 -2.99 4.36
CA ALA A 639 17.38 -3.17 3.21
C ALA A 639 18.74 -3.72 3.60
N GLY A 640 18.98 -3.97 4.89
CA GLY A 640 20.29 -4.39 5.34
C GLY A 640 21.36 -3.35 5.11
N SER A 641 20.99 -2.08 5.11
CA SER A 641 21.94 -1.00 4.84
C SER A 641 22.87 -0.72 6.01
N GLN A 642 22.51 -1.14 7.22
CA GLN A 642 23.36 -0.92 8.38
C GLN A 642 24.58 -1.84 8.41
N LEU A 643 24.66 -2.82 7.52
CA LEU A 643 25.85 -3.64 7.35
C LEU A 643 26.62 -3.19 6.13
N SER A 644 27.91 -3.52 6.11
CA SER A 644 28.72 -3.31 4.91
C SER A 644 28.42 -4.39 3.88
N GLY A 645 29.00 -4.23 2.70
CA GLY A 645 28.77 -5.21 1.63
C GLY A 645 29.33 -6.58 1.97
N GLY A 646 30.58 -6.62 2.45
CA GLY A 646 31.18 -7.90 2.81
C GLY A 646 30.49 -8.56 3.98
N GLN A 647 30.07 -7.76 4.97
CA GLN A 647 29.33 -8.30 6.10
C GLN A 647 28.01 -8.91 5.66
N ARG A 648 27.30 -8.21 4.77
CA ARG A 648 26.05 -8.73 4.24
C ARG A 648 26.27 -10.02 3.46
N GLN A 649 27.34 -10.08 2.67
CA GLN A 649 27.64 -11.30 1.92
C GLN A 649 28.00 -12.46 2.84
N ALA A 650 28.74 -12.17 3.92
CA ALA A 650 29.07 -13.22 4.88
C ALA A 650 27.82 -13.74 5.58
N VAL A 651 26.90 -12.85 5.92
CA VAL A 651 25.63 -13.28 6.51
C VAL A 651 24.85 -14.14 5.53
N ALA A 652 24.87 -13.77 4.25
CA ALA A 652 24.18 -14.57 3.23
C ALA A 652 24.81 -15.93 3.06
N LEU A 653 26.13 -16.04 3.18
CA LEU A 653 26.78 -17.35 3.10
C LEU A 653 26.44 -18.20 4.31
N ALA A 654 26.44 -17.60 5.50
CA ALA A 654 26.04 -18.34 6.70
C ALA A 654 24.62 -18.84 6.59
N ARG A 655 23.72 -18.02 6.02
CA ARG A 655 22.35 -18.44 5.80
C ARG A 655 22.25 -19.67 4.92
N ALA A 656 23.17 -19.82 3.97
CA ALA A 656 23.15 -21.00 3.09
C ALA A 656 23.76 -22.22 3.76
N LEU A 657 24.80 -22.03 4.58
CA LEU A 657 25.52 -23.18 5.11
C LEU A 657 24.73 -23.90 6.20
N ILE A 658 23.94 -23.16 6.99
CA ILE A 658 23.30 -23.74 8.17
C ILE A 658 22.35 -24.87 7.84
N ARG A 659 21.85 -24.93 6.60
CA ARG A 659 20.89 -25.95 6.20
C ARG A 659 21.54 -27.29 5.91
N LYS A 660 22.87 -27.36 5.82
CA LYS A 660 23.60 -28.53 5.36
C LYS A 660 23.07 -29.05 4.02
N PRO A 661 23.09 -28.22 2.97
CA PRO A 661 22.58 -28.67 1.67
C PRO A 661 23.50 -29.70 1.03
N CYS A 662 22.90 -30.53 0.19
CA CYS A 662 23.68 -31.46 -0.62
C CYS A 662 24.11 -30.87 -1.95
N VAL A 663 23.45 -29.81 -2.41
CA VAL A 663 23.87 -29.05 -3.59
C VAL A 663 24.02 -27.60 -3.17
N LEU A 664 25.22 -27.06 -3.31
CA LEU A 664 25.52 -25.69 -2.90
C LEU A 664 25.89 -24.86 -4.13
N ILE A 665 25.25 -23.70 -4.27
CA ILE A 665 25.44 -22.82 -5.40
C ILE A 665 26.02 -21.51 -4.89
N LEU A 666 27.22 -21.18 -5.35
CA LEU A 666 27.91 -19.94 -4.95
C LEU A 666 27.94 -19.01 -6.17
N ASP A 667 26.92 -18.17 -6.28
CA ASP A 667 26.80 -17.24 -7.40
C ASP A 667 27.56 -15.95 -7.07
N ASP A 668 28.85 -15.93 -7.41
CA ASP A 668 29.72 -14.79 -7.16
C ASP A 668 29.67 -14.35 -5.70
N ALA A 669 29.83 -15.32 -4.81
CA ALA A 669 29.78 -15.07 -3.38
C ALA A 669 31.06 -14.42 -2.84
N THR A 670 32.08 -14.28 -3.67
CA THR A 670 33.37 -13.72 -3.26
C THR A 670 33.54 -12.27 -3.70
N SER A 671 32.48 -11.65 -4.23
CA SER A 671 32.61 -10.34 -4.84
C SER A 671 33.04 -9.28 -3.83
N ALA A 672 32.33 -9.17 -2.71
CA ALA A 672 32.61 -8.12 -1.74
C ALA A 672 33.55 -8.55 -0.63
N LEU A 673 33.91 -9.83 -0.57
CA LEU A 673 34.79 -10.31 0.49
C LEU A 673 36.22 -9.81 0.26
N ASP A 674 36.88 -9.41 1.34
CA ASP A 674 38.24 -8.89 1.28
C ASP A 674 39.23 -10.04 1.14
N ALA A 675 40.53 -9.72 1.23
CA ALA A 675 41.56 -10.74 1.04
C ALA A 675 41.50 -11.82 2.11
N ASN A 676 41.29 -11.43 3.36
CA ASN A 676 41.31 -12.40 4.45
C ASN A 676 40.10 -13.32 4.40
N SER A 677 38.93 -12.79 4.05
CA SER A 677 37.71 -13.58 4.05
C SER A 677 37.64 -14.54 2.86
N GLN A 678 38.48 -14.37 1.84
CA GLN A 678 38.51 -15.32 0.73
C GLN A 678 39.11 -16.66 1.16
N LEU A 679 40.00 -16.63 2.15
CA LEU A 679 40.55 -17.88 2.67
C LEU A 679 39.46 -18.76 3.27
N GLN A 680 38.45 -18.15 3.88
CA GLN A 680 37.34 -18.93 4.42
C GLN A 680 36.62 -19.70 3.31
N VAL A 681 36.36 -19.04 2.19
CA VAL A 681 35.70 -19.70 1.06
C VAL A 681 36.60 -20.78 0.47
N GLU A 682 37.90 -20.50 0.38
CA GLU A 682 38.84 -21.50 -0.15
C GLU A 682 38.84 -22.75 0.71
N GLN A 683 38.90 -22.58 2.03
CA GLN A 683 38.88 -23.73 2.94
C GLN A 683 37.54 -24.45 2.88
N LEU A 684 36.45 -23.70 2.77
CA LEU A 684 35.12 -24.30 2.67
C LEU A 684 35.01 -25.16 1.42
N LEU A 685 35.60 -24.71 0.31
CA LEU A 685 35.47 -25.42 -0.95
C LEU A 685 36.40 -26.63 -1.02
N TYR A 686 37.67 -26.45 -0.71
CA TYR A 686 38.67 -27.46 -1.04
C TYR A 686 39.30 -28.16 0.15
N GLU A 687 39.08 -27.68 1.37
CA GLU A 687 39.74 -28.27 2.53
C GLU A 687 38.80 -28.66 3.67
N SER A 688 37.54 -28.25 3.64
CA SER A 688 36.63 -28.58 4.73
C SER A 688 36.34 -30.09 4.72
N PRO A 689 36.22 -30.72 5.89
CA PRO A 689 35.93 -32.16 5.93
C PRO A 689 34.52 -32.52 5.48
N GLU A 690 33.63 -31.55 5.31
CA GLU A 690 32.26 -31.81 4.89
C GLU A 690 32.09 -31.74 3.38
N ARG A 691 33.16 -31.52 2.63
CA ARG A 691 33.05 -31.37 1.18
C ARG A 691 32.70 -32.65 0.46
N TYR A 692 32.82 -33.81 1.12
CA TYR A 692 32.49 -35.08 0.49
C TYR A 692 31.00 -35.36 0.44
N SER A 693 30.19 -34.64 1.20
CA SER A 693 28.76 -34.89 1.28
C SER A 693 27.94 -34.07 0.28
N ARG A 694 28.57 -33.17 -0.47
CA ARG A 694 27.83 -32.21 -1.27
C ARG A 694 28.55 -31.95 -2.59
N SER A 695 27.79 -31.47 -3.57
CA SER A 695 28.31 -31.01 -4.84
C SER A 695 28.15 -29.50 -4.93
N VAL A 696 29.18 -28.82 -5.42
CA VAL A 696 29.24 -27.36 -5.44
C VAL A 696 29.31 -26.89 -6.88
N LEU A 697 28.51 -25.87 -7.21
CA LEU A 697 28.58 -25.17 -8.48
C LEU A 697 29.13 -23.77 -8.21
N LEU A 698 30.34 -23.51 -8.68
CA LEU A 698 31.05 -22.26 -8.39
C LEU A 698 30.97 -21.34 -9.59
N ILE A 699 30.36 -20.17 -9.40
CA ILE A 699 30.25 -19.15 -10.43
C ILE A 699 30.96 -17.90 -9.93
N THR A 700 31.95 -17.43 -10.68
CA THR A 700 32.69 -16.24 -10.27
C THR A 700 33.49 -15.69 -11.43
N GLN A 701 33.87 -14.42 -11.30
CA GLN A 701 34.84 -13.77 -12.17
C GLN A 701 36.25 -13.78 -11.60
N HIS A 702 36.44 -14.28 -10.38
CA HIS A 702 37.76 -14.36 -9.76
C HIS A 702 38.37 -15.70 -10.11
N LEU A 703 39.07 -15.74 -11.25
CA LEU A 703 39.56 -17.01 -11.80
C LEU A 703 40.66 -17.65 -10.97
N SER A 704 41.27 -16.94 -10.02
CA SER A 704 42.26 -17.59 -9.16
C SER A 704 41.62 -18.65 -8.28
N LEU A 705 40.35 -18.46 -7.91
CA LEU A 705 39.62 -19.44 -7.12
C LEU A 705 39.28 -20.69 -7.91
N VAL A 706 39.37 -20.63 -9.25
CA VAL A 706 38.92 -21.71 -10.11
C VAL A 706 40.01 -22.76 -10.37
N GLU A 707 41.27 -22.44 -10.10
CA GLU A 707 42.37 -23.32 -10.49
C GLU A 707 42.28 -24.70 -9.85
N GLN A 708 41.70 -24.78 -8.65
CA GLN A 708 41.62 -26.05 -7.93
C GLN A 708 40.33 -26.82 -8.20
N ALA A 709 39.46 -26.31 -9.08
CA ALA A 709 38.20 -26.99 -9.35
C ALA A 709 38.45 -28.28 -10.11
N ASP A 710 37.60 -29.27 -9.84
CA ASP A 710 37.69 -30.55 -10.55
C ASP A 710 37.35 -30.39 -12.02
N HIS A 711 36.33 -29.59 -12.34
CA HIS A 711 35.93 -29.34 -13.71
C HIS A 711 35.68 -27.85 -13.91
N ILE A 712 35.98 -27.37 -15.10
CA ILE A 712 35.74 -26.00 -15.50
C ILE A 712 34.93 -26.00 -16.78
N LEU A 713 33.86 -25.21 -16.80
CA LEU A 713 33.00 -25.06 -17.97
C LEU A 713 33.04 -23.60 -18.41
N PHE A 714 33.35 -23.38 -19.68
CA PHE A 714 33.38 -22.02 -20.24
C PHE A 714 32.11 -21.79 -21.02
N LEU A 715 31.31 -20.83 -20.57
CA LEU A 715 30.01 -20.52 -21.15
C LEU A 715 30.07 -19.16 -21.82
N GLU A 716 29.80 -19.13 -23.13
CA GLU A 716 29.74 -17.88 -23.87
C GLU A 716 28.59 -17.95 -24.86
N GLY A 717 27.80 -16.88 -24.90
CA GLY A 717 26.65 -16.84 -25.78
C GLY A 717 25.59 -17.87 -25.45
N GLY A 718 25.58 -18.41 -24.23
CA GLY A 718 24.61 -19.38 -23.83
C GLY A 718 24.93 -20.82 -24.19
N ALA A 719 26.12 -21.09 -24.70
CA ALA A 719 26.53 -22.45 -25.06
C ALA A 719 27.90 -22.74 -24.48
N ILE A 720 28.12 -24.00 -24.12
CA ILE A 720 29.39 -24.43 -23.56
C ILE A 720 30.39 -24.62 -24.70
N ARG A 721 31.54 -23.95 -24.61
CA ARG A 721 32.57 -24.02 -25.64
C ARG A 721 33.70 -24.96 -25.25
N GLU A 722 34.21 -24.87 -24.03
CA GLU A 722 35.33 -25.67 -23.58
C GLU A 722 35.01 -26.29 -22.22
N GLY A 723 35.69 -27.39 -21.93
CA GLY A 723 35.51 -28.07 -20.66
C GLY A 723 36.72 -28.90 -20.33
N GLY A 724 36.99 -29.05 -19.03
CA GLY A 724 38.11 -29.81 -18.54
C GLY A 724 38.70 -29.15 -17.33
N THR A 725 39.86 -29.64 -16.91
CA THR A 725 40.56 -29.09 -15.76
C THR A 725 41.32 -27.83 -16.15
N HIS A 726 42.02 -27.25 -15.17
CA HIS A 726 42.78 -26.02 -15.42
C HIS A 726 43.94 -26.28 -16.38
N GLN A 727 44.69 -27.34 -16.14
CA GLN A 727 45.84 -27.64 -17.01
C GLN A 727 45.39 -28.01 -18.41
N GLN A 728 44.31 -28.78 -18.53
CA GLN A 728 43.81 -29.16 -19.85
C GLN A 728 43.39 -27.93 -20.66
N LEU A 729 42.70 -26.99 -20.03
CA LEU A 729 42.31 -25.78 -20.72
C LEU A 729 43.51 -24.89 -21.03
N MET A 730 44.51 -24.89 -20.14
CA MET A 730 45.72 -24.11 -20.41
C MET A 730 46.48 -24.65 -21.62
N GLU A 731 46.57 -25.97 -21.76
CA GLU A 731 47.25 -26.56 -22.90
C GLU A 731 46.50 -26.35 -24.20
N LYS A 732 45.20 -26.04 -24.14
CA LYS A 732 44.42 -25.83 -25.35
C LYS A 732 44.71 -24.48 -26.00
N LYS A 733 45.10 -23.47 -25.21
CA LYS A 733 45.34 -22.12 -25.70
C LYS A 733 44.10 -21.57 -26.42
N GLY A 734 42.95 -21.74 -25.78
CA GLY A 734 41.70 -21.29 -26.36
C GLY A 734 41.07 -20.12 -25.64
N CYS A 735 39.74 -20.19 -25.44
CA CYS A 735 39.02 -19.07 -24.83
C CYS A 735 39.44 -18.86 -23.39
N TYR A 736 39.50 -19.94 -22.60
CA TYR A 736 39.88 -19.82 -21.19
C TYR A 736 41.31 -19.30 -21.06
N TRP A 737 42.23 -19.83 -21.87
CA TRP A 737 43.61 -19.37 -21.83
C TRP A 737 43.72 -17.91 -22.22
N ALA A 738 42.97 -17.49 -23.24
CA ALA A 738 42.98 -16.08 -23.63
C ALA A 738 42.43 -15.20 -22.51
N MET A 739 41.36 -15.65 -21.85
CA MET A 739 40.78 -14.86 -20.77
C MET A 739 41.74 -14.72 -19.60
N VAL A 740 42.45 -15.80 -19.25
CA VAL A 740 43.41 -15.72 -18.16
C VAL A 740 44.59 -14.82 -18.53
N GLN A 741 45.10 -14.97 -19.75
CA GLN A 741 46.25 -14.19 -20.21
C GLN A 741 45.87 -12.79 -20.68
N ALA A 742 44.66 -12.32 -20.36
CA ALA A 742 44.26 -10.98 -20.77
C ALA A 742 45.15 -9.87 -20.19
N PRO A 743 45.49 -9.86 -18.89
CA PRO A 743 46.39 -8.80 -18.43
C PRO A 743 47.78 -8.89 -19.02
N MET B 138 -9.73 21.02 12.44
CA MET B 138 -8.43 21.57 12.83
C MET B 138 -8.07 22.72 11.89
N TRP B 139 -7.65 23.85 12.47
CA TRP B 139 -7.42 25.05 11.69
C TRP B 139 -6.31 24.87 10.67
N ARG B 140 -5.34 23.99 10.95
CA ARG B 140 -4.29 23.72 9.98
C ARG B 140 -4.87 23.10 8.71
N LEU B 141 -5.79 22.14 8.86
CA LEU B 141 -6.37 21.49 7.69
C LEU B 141 -7.25 22.43 6.90
N LEU B 142 -7.93 23.37 7.57
CA LEU B 142 -8.69 24.38 6.84
C LEU B 142 -7.77 25.28 6.01
N LYS B 143 -6.61 25.64 6.57
CA LYS B 143 -5.64 26.40 5.79
C LYS B 143 -5.15 25.59 4.60
N LEU B 144 -4.97 24.29 4.78
CA LEU B 144 -4.64 23.43 3.63
C LEU B 144 -5.77 23.39 2.61
N SER B 145 -7.01 23.47 3.06
CA SER B 145 -8.19 23.44 2.18
C SER B 145 -8.49 24.79 1.56
N ARG B 146 -7.79 25.85 1.97
CA ARG B 146 -8.08 27.20 1.50
C ARG B 146 -8.30 27.36 0.00
N PRO B 147 -7.55 26.71 -0.90
CA PRO B 147 -7.81 26.90 -2.34
C PRO B 147 -9.17 26.40 -2.78
N ASP B 148 -9.85 25.55 -2.01
CA ASP B 148 -11.14 24.99 -2.37
C ASP B 148 -12.31 25.84 -1.90
N LEU B 149 -12.07 27.03 -1.37
CA LEU B 149 -13.13 27.86 -0.81
C LEU B 149 -14.28 28.14 -1.77
N PRO B 150 -14.08 28.46 -3.06
CA PRO B 150 -15.23 28.73 -3.92
C PRO B 150 -16.21 27.57 -4.04
N LEU B 151 -15.72 26.33 -4.04
CA LEU B 151 -16.61 25.18 -4.08
C LEU B 151 -17.45 25.09 -2.83
N LEU B 152 -16.85 25.37 -1.66
CA LEU B 152 -17.62 25.36 -0.42
C LEU B 152 -18.67 26.47 -0.41
N VAL B 153 -18.33 27.64 -0.95
CA VAL B 153 -19.30 28.73 -1.03
C VAL B 153 -20.48 28.33 -1.91
N ALA B 154 -20.19 27.74 -3.07
CA ALA B 154 -21.25 27.30 -3.97
C ALA B 154 -22.12 26.24 -3.31
N ALA B 155 -21.50 25.29 -2.60
CA ALA B 155 -22.26 24.26 -1.91
C ALA B 155 -23.16 24.85 -0.84
N PHE B 156 -22.65 25.84 -0.11
CA PHE B 156 -23.47 26.50 0.90
C PHE B 156 -24.68 27.19 0.26
N PHE B 157 -24.45 27.86 -0.88
CA PHE B 157 -25.55 28.51 -1.58
C PHE B 157 -26.60 27.49 -2.03
N PHE B 158 -26.15 26.35 -2.56
CA PHE B 158 -27.09 25.33 -3.00
C PHE B 158 -27.85 24.73 -1.82
N LEU B 159 -27.18 24.56 -0.68
CA LEU B 159 -27.87 24.08 0.52
C LEU B 159 -28.95 25.06 0.94
N VAL B 160 -28.65 26.36 0.89
CA VAL B 160 -29.65 27.37 1.24
C VAL B 160 -30.85 27.29 0.30
N LEU B 161 -30.58 27.16 -1.00
CA LEU B 161 -31.67 27.05 -1.96
C LEU B 161 -32.51 25.81 -1.71
N ALA B 162 -31.86 24.68 -1.42
CA ALA B 162 -32.59 23.44 -1.16
C ALA B 162 -33.50 23.58 0.06
N VAL B 163 -32.99 24.19 1.14
CA VAL B 163 -33.82 24.36 2.33
C VAL B 163 -35.01 25.28 2.02
N LEU B 164 -34.75 26.39 1.32
CA LEU B 164 -35.81 27.33 1.02
C LEU B 164 -36.89 26.68 0.15
N GLY B 165 -36.48 25.85 -0.81
CA GLY B 165 -37.46 25.13 -1.60
C GLY B 165 -38.24 24.11 -0.79
N GLU B 166 -37.55 23.39 0.11
CA GLU B 166 -38.22 22.39 0.93
C GLU B 166 -39.22 23.01 1.89
N THR B 167 -39.08 24.29 2.21
CA THR B 167 -40.07 24.93 3.09
C THR B 167 -41.46 24.98 2.45
N LEU B 168 -41.56 24.93 1.12
CA LEU B 168 -42.84 25.12 0.45
C LEU B 168 -43.63 23.85 0.17
N ILE B 169 -42.93 22.74 -0.07
CA ILE B 169 -43.62 21.47 -0.44
C ILE B 169 -44.66 21.06 0.60
N PRO B 170 -44.44 21.15 1.94
CA PRO B 170 -45.43 20.68 2.91
C PRO B 170 -46.73 21.49 2.77
N HIS B 171 -46.62 22.79 2.56
CA HIS B 171 -47.83 23.65 2.45
C HIS B 171 -48.79 23.05 1.43
N TYR B 172 -48.34 22.91 0.19
CA TYR B 172 -49.18 22.40 -0.88
C TYR B 172 -49.55 20.94 -0.69
N SER B 173 -48.68 20.15 -0.04
CA SER B 173 -49.07 18.78 0.27
C SER B 173 -50.23 18.75 1.26
N GLY B 174 -50.24 19.68 2.23
CA GLY B 174 -51.37 19.81 3.12
C GLY B 174 -52.64 20.15 2.38
N ARG B 175 -52.55 21.04 1.38
CA ARG B 175 -53.75 21.32 0.59
C ARG B 175 -54.20 20.10 -0.19
N VAL B 176 -53.27 19.33 -0.76
CA VAL B 176 -53.65 18.10 -1.46
C VAL B 176 -54.39 17.16 -0.53
N ILE B 177 -53.85 16.96 0.67
CA ILE B 177 -54.46 16.05 1.63
C ILE B 177 -55.83 16.55 2.07
N ASP B 178 -55.93 17.85 2.36
CA ASP B 178 -57.19 18.41 2.83
C ASP B 178 -58.28 18.31 1.77
N ILE B 179 -57.93 18.64 0.52
CA ILE B 179 -58.93 18.59 -0.55
C ILE B 179 -59.31 17.14 -0.86
N LEU B 180 -58.36 16.21 -0.79
CA LEU B 180 -58.69 14.81 -0.99
C LEU B 180 -59.60 14.29 0.13
N GLY B 181 -59.31 14.69 1.37
CA GLY B 181 -60.10 14.26 2.51
C GLY B 181 -61.32 15.10 2.80
N GLY B 182 -62.28 15.09 1.89
CA GLY B 182 -63.50 15.86 2.08
C GLY B 182 -63.46 17.19 1.35
N ASP B 183 -64.64 17.65 0.94
CA ASP B 183 -64.79 18.89 0.18
C ASP B 183 -63.94 18.86 -1.09
N PHE B 184 -64.22 17.87 -1.94
CA PHE B 184 -63.47 17.68 -3.16
C PHE B 184 -63.73 18.81 -4.15
N ASP B 185 -62.66 19.29 -4.78
CA ASP B 185 -62.74 20.36 -5.77
C ASP B 185 -61.61 20.21 -6.76
N PRO B 186 -61.90 19.77 -7.99
CA PRO B 186 -60.82 19.51 -8.96
C PRO B 186 -59.99 20.73 -9.31
N HIS B 187 -60.53 21.94 -9.15
CA HIS B 187 -59.76 23.13 -9.50
C HIS B 187 -58.58 23.32 -8.56
N ALA B 188 -58.79 23.18 -7.26
CA ALA B 188 -57.70 23.34 -6.30
C ALA B 188 -56.75 22.15 -6.35
N PHE B 189 -57.28 20.95 -6.61
CA PHE B 189 -56.47 19.74 -6.56
C PHE B 189 -55.31 19.80 -7.55
N ALA B 190 -55.60 20.19 -8.79
CA ALA B 190 -54.56 20.26 -9.81
C ALA B 190 -53.53 21.33 -9.48
N SER B 191 -53.97 22.49 -8.98
CA SER B 191 -53.05 23.55 -8.61
C SER B 191 -52.10 23.09 -7.49
N ALA B 192 -52.66 22.46 -6.46
CA ALA B 192 -51.84 21.99 -5.35
C ALA B 192 -50.82 20.96 -5.81
N ILE B 193 -51.26 20.00 -6.64
CA ILE B 193 -50.31 19.01 -7.16
C ILE B 193 -49.24 19.68 -8.00
N PHE B 194 -49.63 20.68 -8.80
CA PHE B 194 -48.67 21.38 -9.65
C PHE B 194 -47.57 22.04 -8.84
N PHE B 195 -47.96 22.81 -7.81
CA PHE B 195 -46.96 23.47 -6.98
C PHE B 195 -46.10 22.45 -6.23
N MET B 196 -46.72 21.37 -5.75
CA MET B 196 -45.93 20.31 -5.10
C MET B 196 -44.85 19.79 -6.03
N CYS B 197 -45.21 19.49 -7.28
CA CYS B 197 -44.24 18.97 -8.24
C CYS B 197 -43.15 20.00 -8.52
N LEU B 198 -43.55 21.26 -8.72
CA LEU B 198 -42.57 22.31 -9.04
C LEU B 198 -41.51 22.43 -7.96
N PHE B 199 -41.94 22.53 -6.70
CA PHE B 199 -40.96 22.77 -5.65
C PHE B 199 -40.17 21.51 -5.32
N SER B 200 -40.78 20.32 -5.47
CA SER B 200 -39.99 19.10 -5.32
C SER B 200 -38.89 19.05 -6.38
N PHE B 201 -39.21 19.46 -7.61
CA PHE B 201 -38.23 19.44 -8.70
C PHE B 201 -37.07 20.40 -8.41
N GLY B 202 -37.39 21.62 -8.01
CA GLY B 202 -36.34 22.59 -7.70
C GLY B 202 -35.46 22.14 -6.55
N SER B 203 -36.07 21.62 -5.49
CA SER B 203 -35.29 21.14 -4.34
C SER B 203 -34.38 19.98 -4.74
N SER B 204 -34.90 19.08 -5.60
CA SER B 204 -34.09 17.94 -6.04
C SER B 204 -32.85 18.41 -6.79
N LEU B 205 -33.02 19.36 -7.73
CA LEU B 205 -31.87 19.85 -8.48
C LEU B 205 -30.85 20.51 -7.56
N SER B 206 -31.31 21.35 -6.64
CA SER B 206 -30.37 22.02 -5.75
C SER B 206 -29.62 21.02 -4.88
N ALA B 207 -30.31 19.99 -4.38
CA ALA B 207 -29.66 18.99 -3.55
C ALA B 207 -28.59 18.23 -4.32
N GLY B 208 -28.89 17.87 -5.58
CA GLY B 208 -27.89 17.18 -6.38
C GLY B 208 -26.64 18.01 -6.60
N CYS B 209 -26.82 19.31 -6.88
CA CYS B 209 -25.65 20.17 -7.06
C CYS B 209 -24.84 20.26 -5.76
N ARG B 210 -25.52 20.39 -4.62
CA ARG B 210 -24.82 20.44 -3.33
C ARG B 210 -23.98 19.19 -3.11
N GLY B 211 -24.57 18.02 -3.34
CA GLY B 211 -23.83 16.78 -3.12
C GLY B 211 -22.62 16.65 -4.02
N GLY B 212 -22.77 17.01 -5.29
CA GLY B 212 -21.62 16.97 -6.19
C GLY B 212 -20.50 17.87 -5.73
N CYS B 213 -20.84 19.10 -5.31
CA CYS B 213 -19.80 20.04 -4.89
C CYS B 213 -19.04 19.51 -3.67
N PHE B 214 -19.76 18.99 -2.67
CA PHE B 214 -19.06 18.47 -1.49
C PHE B 214 -18.17 17.27 -1.84
N THR B 215 -18.65 16.37 -2.69
CA THR B 215 -17.84 15.20 -3.04
C THR B 215 -16.54 15.62 -3.73
N TYR B 216 -16.64 16.53 -4.70
CA TYR B 216 -15.44 16.96 -5.41
C TYR B 216 -14.46 17.66 -4.47
N THR B 217 -14.98 18.51 -3.58
CA THR B 217 -14.10 19.20 -2.63
C THR B 217 -13.32 18.21 -1.77
N MET B 218 -14.01 17.19 -1.26
CA MET B 218 -13.33 16.21 -0.42
C MET B 218 -12.23 15.47 -1.19
N SER B 219 -12.53 15.07 -2.43
CA SER B 219 -11.49 14.37 -3.19
C SER B 219 -10.28 15.25 -3.48
N ARG B 220 -10.52 16.52 -3.80
CA ARG B 220 -9.40 17.43 -4.06
C ARG B 220 -8.54 17.62 -2.81
N ILE B 221 -9.18 17.70 -1.64
CA ILE B 221 -8.41 17.82 -0.40
C ILE B 221 -7.55 16.58 -0.19
N ASN B 222 -8.10 15.40 -0.46
CA ASN B 222 -7.32 14.17 -0.34
C ASN B 222 -6.06 14.23 -1.21
N LEU B 223 -6.23 14.61 -2.48
CA LEU B 223 -5.08 14.62 -3.37
C LEU B 223 -4.04 15.65 -2.94
N ARG B 224 -4.49 16.81 -2.45
CA ARG B 224 -3.52 17.81 -1.98
C ARG B 224 -2.75 17.30 -0.76
N ILE B 225 -3.42 16.61 0.15
CA ILE B 225 -2.74 16.04 1.31
C ILE B 225 -1.65 15.08 0.86
N ARG B 226 -1.99 14.19 -0.08
CA ARG B 226 -0.99 13.24 -0.57
C ARG B 226 0.20 13.95 -1.19
N GLU B 227 -0.07 14.96 -2.03
CA GLU B 227 1.01 15.67 -2.69
C GLU B 227 1.95 16.31 -1.68
N GLN B 228 1.40 17.02 -0.69
CA GLN B 228 2.26 17.71 0.26
C GLN B 228 3.01 16.74 1.15
N LEU B 229 2.38 15.63 1.56
CA LEU B 229 3.09 14.67 2.39
C LEU B 229 4.26 14.05 1.63
N PHE B 230 4.02 13.62 0.39
CA PHE B 230 5.12 13.01 -0.36
C PHE B 230 6.22 14.01 -0.64
N SER B 231 5.86 15.27 -0.92
CA SER B 231 6.90 16.29 -1.12
C SER B 231 7.71 16.50 0.16
N SER B 232 7.07 16.43 1.32
CA SER B 232 7.78 16.63 2.57
C SER B 232 8.73 15.48 2.87
N LEU B 233 8.32 14.24 2.55
CA LEU B 233 9.17 13.10 2.88
C LEU B 233 10.50 13.15 2.13
N LEU B 234 10.49 13.64 0.88
CA LEU B 234 11.71 13.64 0.07
C LEU B 234 12.78 14.56 0.66
N ARG B 235 12.38 15.56 1.45
CA ARG B 235 13.34 16.54 1.98
C ARG B 235 14.18 15.99 3.12
N GLN B 236 13.78 14.87 3.71
CA GLN B 236 14.33 14.47 5.00
C GLN B 236 15.76 13.97 4.88
N ASP B 237 16.49 14.05 6.00
CA ASP B 237 17.84 13.53 6.07
C ASP B 237 17.82 12.00 6.02
N LEU B 238 18.93 11.42 5.57
CA LEU B 238 18.97 9.99 5.28
C LEU B 238 18.80 9.12 6.52
N GLY B 239 19.02 9.66 7.71
CA GLY B 239 18.75 8.90 8.92
C GLY B 239 17.28 8.62 9.13
N PHE B 240 16.42 9.51 8.63
CA PHE B 240 14.98 9.35 8.78
C PHE B 240 14.49 8.05 8.16
N PHE B 241 15.07 7.64 7.03
CA PHE B 241 14.59 6.49 6.30
C PHE B 241 15.09 5.16 6.87
N GLN B 242 15.99 5.19 7.85
CA GLN B 242 16.35 3.99 8.60
C GLN B 242 15.55 3.84 9.88
N GLU B 243 15.14 4.95 10.48
CA GLU B 243 14.23 4.89 11.62
C GLU B 243 12.85 4.39 11.19
N THR B 244 12.36 4.90 10.05
CA THR B 244 11.07 4.49 9.52
C THR B 244 11.26 3.33 8.54
N LYS B 245 10.14 2.84 8.00
CA LYS B 245 10.13 1.77 7.02
C LYS B 245 9.25 2.16 5.84
N THR B 246 9.69 1.79 4.64
CA THR B 246 9.04 2.29 3.43
C THR B 246 7.60 1.81 3.31
N GLY B 247 7.33 0.56 3.69
CA GLY B 247 5.96 0.07 3.65
C GLY B 247 5.05 0.79 4.62
N GLU B 248 5.56 1.17 5.79
CA GLU B 248 4.77 1.96 6.73
C GLU B 248 4.50 3.35 6.17
N LEU B 249 5.50 3.98 5.55
CA LEU B 249 5.28 5.30 4.95
C LEU B 249 4.24 5.25 3.84
N ASN B 250 4.31 4.22 2.98
CA ASN B 250 3.32 4.09 1.93
C ASN B 250 1.94 3.78 2.51
N SER B 251 1.88 3.01 3.59
CA SER B 251 0.60 2.77 4.26
C SER B 251 0.04 4.06 4.82
N ARG B 252 0.91 4.93 5.35
CA ARG B 252 0.45 6.24 5.82
C ARG B 252 -0.16 7.03 4.68
N LEU B 253 0.57 7.16 3.57
CA LEU B 253 0.08 7.90 2.42
C LEU B 253 -1.26 7.35 1.92
N SER B 254 -1.39 6.02 1.88
CA SER B 254 -2.60 5.41 1.32
C SER B 254 -3.79 5.54 2.27
N SER B 255 -3.58 5.31 3.57
CA SER B 255 -4.68 5.13 4.50
C SER B 255 -5.00 6.38 5.30
N ASP B 256 -3.98 7.00 5.94
CA ASP B 256 -4.29 8.03 6.92
C ASP B 256 -4.92 9.25 6.29
N THR B 257 -4.66 9.51 5.01
CA THR B 257 -5.26 10.66 4.34
C THR B 257 -6.77 10.52 4.19
N THR B 258 -7.27 9.29 4.08
CA THR B 258 -8.71 9.10 3.90
C THR B 258 -9.48 9.45 5.17
N LEU B 259 -8.91 9.13 6.33
CA LEU B 259 -9.54 9.47 7.61
C LEU B 259 -9.72 10.97 7.74
N MET B 260 -8.67 11.74 7.43
CA MET B 260 -8.76 13.19 7.57
C MET B 260 -9.59 13.81 6.45
N SER B 261 -9.68 13.15 5.29
CA SER B 261 -10.46 13.74 4.20
C SER B 261 -11.95 13.49 4.34
N ASN B 262 -12.36 12.32 4.84
CA ASN B 262 -13.76 11.87 4.76
C ASN B 262 -14.62 12.38 5.94
N TRP B 263 -14.89 13.69 5.91
CA TRP B 263 -15.69 14.30 6.96
C TRP B 263 -17.14 13.82 6.99
N LEU B 264 -17.71 13.39 5.85
CA LEU B 264 -19.16 13.32 5.81
C LEU B 264 -19.68 11.88 5.80
N PRO B 265 -20.77 11.61 6.53
CA PRO B 265 -21.39 10.28 6.48
C PRO B 265 -22.00 9.99 5.12
N LEU B 266 -22.41 8.72 4.95
CA LEU B 266 -23.04 8.30 3.70
C LEU B 266 -24.42 8.92 3.52
N ASN B 267 -25.28 8.80 4.53
CA ASN B 267 -26.68 9.19 4.43
C ASN B 267 -26.94 10.65 4.78
N ALA B 268 -25.94 11.53 4.63
CA ALA B 268 -26.09 12.91 5.06
C ALA B 268 -27.20 13.64 4.32
N ASN B 269 -27.49 13.25 3.08
CA ASN B 269 -28.54 13.93 2.31
C ASN B 269 -29.91 13.72 2.94
N VAL B 270 -30.18 12.51 3.44
CA VAL B 270 -31.45 12.25 4.11
C VAL B 270 -31.53 13.07 5.39
N LEU B 271 -30.41 13.15 6.12
CA LEU B 271 -30.37 13.93 7.35
C LEU B 271 -30.69 15.40 7.07
N LEU B 272 -30.09 15.95 6.01
CA LEU B 272 -30.39 17.34 5.64
C LEU B 272 -31.83 17.52 5.18
N ARG B 273 -32.36 16.57 4.40
CA ARG B 273 -33.72 16.71 3.90
C ARG B 273 -34.75 16.67 5.02
N SER B 274 -34.43 15.98 6.12
CA SER B 274 -35.34 15.92 7.25
C SER B 274 -35.32 17.18 8.11
N LEU B 275 -34.42 18.12 7.84
CA LEU B 275 -34.22 19.26 8.73
C LEU B 275 -35.48 20.10 8.87
N VAL B 276 -36.15 20.38 7.75
CA VAL B 276 -37.34 21.24 7.80
C VAL B 276 -38.46 20.57 8.59
N LYS B 277 -38.64 19.26 8.41
CA LYS B 277 -39.64 18.53 9.19
C LYS B 277 -39.31 18.57 10.68
N VAL B 278 -38.03 18.40 11.02
CA VAL B 278 -37.64 18.44 12.43
C VAL B 278 -37.88 19.83 13.02
N VAL B 279 -37.58 20.88 12.25
CA VAL B 279 -37.84 22.24 12.74
C VAL B 279 -39.34 22.45 12.93
N GLY B 280 -40.16 21.93 12.01
CA GLY B 280 -41.59 22.05 12.17
C GLY B 280 -42.11 21.32 13.40
N LEU B 281 -41.56 20.14 13.68
CA LEU B 281 -41.91 19.43 14.90
C LEU B 281 -41.47 20.21 16.14
N TYR B 282 -40.31 20.87 16.07
CA TYR B 282 -39.86 21.71 17.17
C TYR B 282 -40.82 22.87 17.41
N GLY B 283 -41.39 23.42 16.33
CA GLY B 283 -42.36 24.49 16.49
C GLY B 283 -43.60 24.05 17.23
N PHE B 284 -44.07 22.83 16.97
CA PHE B 284 -45.28 22.33 17.62
C PHE B 284 -45.09 22.21 19.12
N MET B 285 -44.01 21.55 19.54
CA MET B 285 -43.82 21.25 20.96
C MET B 285 -43.47 22.51 21.76
N LEU B 286 -42.92 23.53 21.10
CA LEU B 286 -42.63 24.77 21.82
C LEU B 286 -43.92 25.51 22.17
N SER B 287 -44.88 25.57 21.25
CA SER B 287 -46.13 26.25 21.52
C SER B 287 -47.07 25.43 22.39
N ILE B 288 -47.04 24.10 22.27
CA ILE B 288 -47.97 23.27 23.02
C ILE B 288 -47.71 23.37 24.52
N SER B 289 -46.44 23.31 24.92
CA SER B 289 -46.07 23.36 26.33
C SER B 289 -44.66 23.91 26.45
N PRO B 290 -44.51 25.21 26.70
CA PRO B 290 -43.16 25.78 26.83
C PRO B 290 -42.36 25.22 28.00
N ARG B 291 -43.02 24.87 29.10
CA ARG B 291 -42.31 24.38 30.28
C ARG B 291 -41.57 23.08 29.98
N LEU B 292 -42.30 22.09 29.45
CA LEU B 292 -41.68 20.80 29.17
C LEU B 292 -40.66 20.91 28.06
N THR B 293 -40.82 21.88 27.16
CA THR B 293 -39.80 22.14 26.15
C THR B 293 -38.49 22.59 26.81
N LEU B 294 -38.57 23.46 27.81
CA LEU B 294 -37.37 23.85 28.55
C LEU B 294 -36.77 22.66 29.30
N LEU B 295 -37.63 21.81 29.87
CA LEU B 295 -37.12 20.61 30.53
C LEU B 295 -36.38 19.71 29.54
N SER B 296 -36.89 19.59 28.32
CA SER B 296 -36.18 18.86 27.28
C SER B 296 -34.86 19.54 26.93
N LEU B 297 -34.86 20.87 26.83
CA LEU B 297 -33.64 21.59 26.51
C LEU B 297 -32.58 21.43 27.58
N LEU B 298 -32.98 21.08 28.80
CA LEU B 298 -32.01 20.81 29.85
C LEU B 298 -31.19 19.57 29.50
N HIS B 299 -29.86 19.68 29.64
CA HIS B 299 -28.95 18.60 29.30
C HIS B 299 -28.87 17.57 30.44
N MET B 300 -28.60 16.33 30.05
CA MET B 300 -28.54 15.23 31.02
C MET B 300 -27.33 15.39 31.95
N PRO B 301 -27.45 14.92 33.19
CA PRO B 301 -26.32 15.05 34.14
C PRO B 301 -25.04 14.36 33.68
N PHE B 302 -25.16 13.19 33.07
CA PHE B 302 -23.99 12.40 32.68
C PHE B 302 -23.75 12.43 31.17
N THR B 303 -24.50 13.24 30.42
CA THR B 303 -24.30 13.30 28.99
C THR B 303 -22.94 13.89 28.62
N ILE B 304 -22.51 14.92 29.34
CA ILE B 304 -21.25 15.60 29.00
C ILE B 304 -20.07 14.68 29.25
N ALA B 305 -20.01 14.06 30.43
CA ALA B 305 -18.85 13.24 30.79
C ALA B 305 -18.75 12.01 29.89
N ALA B 306 -19.88 11.37 29.59
CA ALA B 306 -19.85 10.18 28.75
C ALA B 306 -19.31 10.49 27.36
N GLU B 307 -19.74 11.62 26.78
CA GLU B 307 -19.24 12.00 25.46
C GLU B 307 -17.74 12.25 25.48
N LYS B 308 -17.24 12.94 26.50
CA LYS B 308 -15.82 13.21 26.58
C LYS B 308 -15.01 11.92 26.72
N VAL B 309 -15.47 11.02 27.59
CA VAL B 309 -14.78 9.74 27.76
C VAL B 309 -14.79 8.95 26.46
N TYR B 310 -15.95 8.91 25.79
CA TYR B 310 -16.04 8.16 24.53
C TYR B 310 -15.10 8.73 23.49
N ASN B 311 -15.05 10.05 23.35
CA ASN B 311 -14.17 10.66 22.36
C ASN B 311 -12.71 10.39 22.68
N THR B 312 -12.34 10.50 23.96
CA THR B 312 -10.95 10.26 24.34
C THR B 312 -10.52 8.83 24.05
N ARG B 313 -11.39 7.86 24.36
CA ARG B 313 -11.07 6.47 24.04
C ARG B 313 -11.06 6.23 22.53
N HIS B 314 -12.00 6.83 21.82
CA HIS B 314 -12.18 6.59 20.39
C HIS B 314 -10.97 7.05 19.59
N GLN B 315 -10.44 8.23 19.92
CA GLN B 315 -9.27 8.73 19.20
C GLN B 315 -8.07 7.81 19.36
N GLU B 316 -7.84 7.33 20.59
CA GLU B 316 -6.72 6.42 20.83
C GLU B 316 -6.91 5.11 20.08
N VAL B 317 -8.14 4.58 20.06
CA VAL B 317 -8.37 3.33 19.33
C VAL B 317 -8.11 3.53 17.85
N LEU B 318 -8.53 4.67 17.28
CA LEU B 318 -8.26 4.93 15.87
C LEU B 318 -6.76 5.00 15.59
N ARG B 319 -6.00 5.66 16.47
CA ARG B 319 -4.56 5.74 16.28
C ARG B 319 -3.91 4.36 16.31
N GLU B 320 -4.33 3.52 17.26
CA GLU B 320 -3.77 2.17 17.34
C GLU B 320 -4.13 1.35 16.11
N ILE B 321 -5.35 1.51 15.59
CA ILE B 321 -5.77 0.80 14.39
C ILE B 321 -4.87 1.18 13.22
N GLN B 322 -4.61 2.48 13.06
CA GLN B 322 -3.74 2.90 11.96
C GLN B 322 -2.33 2.35 12.11
N ASP B 323 -1.79 2.30 13.33
CA ASP B 323 -0.46 1.73 13.53
C ASP B 323 -0.43 0.25 13.14
N ALA B 324 -1.44 -0.51 13.54
CA ALA B 324 -1.48 -1.93 13.19
C ALA B 324 -1.58 -2.13 11.69
N VAL B 325 -2.39 -1.31 11.02
CA VAL B 325 -2.51 -1.39 9.57
C VAL B 325 -1.16 -1.12 8.91
N ALA B 326 -0.43 -0.12 9.42
CA ALA B 326 0.89 0.17 8.86
C ALA B 326 1.85 -1.00 9.03
N ARG B 327 1.83 -1.66 10.19
CA ARG B 327 2.71 -2.81 10.39
C ARG B 327 2.38 -3.94 9.44
N ALA B 328 1.09 -4.23 9.24
CA ALA B 328 0.71 -5.27 8.29
C ALA B 328 1.15 -4.91 6.87
N GLY B 329 1.00 -3.64 6.49
CA GLY B 329 1.46 -3.21 5.19
C GLY B 329 2.96 -3.40 5.02
N GLN B 330 3.74 -3.11 6.05
CA GLN B 330 5.17 -3.35 6.00
C GLN B 330 5.48 -4.83 5.81
N VAL B 331 4.73 -5.69 6.48
CA VAL B 331 4.93 -7.13 6.33
C VAL B 331 4.71 -7.55 4.88
N VAL B 332 3.62 -7.07 4.27
CA VAL B 332 3.35 -7.41 2.87
C VAL B 332 4.45 -6.84 1.97
N ARG B 333 4.90 -5.62 2.25
CA ARG B 333 5.94 -5.00 1.44
C ARG B 333 7.21 -5.84 1.44
N GLU B 334 7.67 -6.24 2.62
CA GLU B 334 8.89 -7.05 2.68
C GLU B 334 8.68 -8.41 2.03
N ALA B 335 7.50 -9.01 2.20
CA ALA B 335 7.27 -10.33 1.59
C ALA B 335 7.29 -10.26 0.07
N VAL B 336 6.72 -9.21 -0.51
CA VAL B 336 6.58 -9.16 -1.96
C VAL B 336 7.86 -8.63 -2.62
N GLY B 337 8.53 -7.67 -1.99
CA GLY B 337 9.68 -7.05 -2.62
C GLY B 337 10.82 -8.01 -2.89
N GLY B 338 11.13 -8.88 -1.92
CA GLY B 338 12.21 -9.82 -2.05
C GLY B 338 11.76 -11.24 -2.30
N LEU B 339 10.79 -11.42 -3.20
CA LEU B 339 10.14 -12.72 -3.33
C LEU B 339 11.06 -13.80 -3.87
N GLN B 340 12.04 -13.44 -4.71
CA GLN B 340 12.90 -14.48 -5.28
C GLN B 340 13.69 -15.20 -4.18
N THR B 341 14.19 -14.45 -3.19
CA THR B 341 14.85 -15.08 -2.05
C THR B 341 13.87 -15.96 -1.26
N VAL B 342 12.65 -15.47 -1.07
CA VAL B 342 11.64 -16.23 -0.31
C VAL B 342 11.35 -17.55 -0.98
N ARG B 343 11.17 -17.53 -2.30
CA ARG B 343 10.93 -18.76 -3.04
C ARG B 343 12.16 -19.65 -3.09
N SER B 344 13.35 -19.04 -3.10
CA SER B 344 14.58 -19.82 -3.07
C SER B 344 14.69 -20.62 -1.77
N PHE B 345 14.28 -20.02 -0.66
CA PHE B 345 14.26 -20.75 0.61
C PHE B 345 12.92 -21.42 0.89
N GLY B 346 11.93 -21.25 0.03
CA GLY B 346 10.64 -21.89 0.19
C GLY B 346 9.89 -21.47 1.43
N ALA B 347 9.84 -20.17 1.72
CA ALA B 347 9.25 -19.65 2.94
C ALA B 347 8.03 -18.77 2.67
N GLU B 348 7.18 -19.20 1.73
CA GLU B 348 5.95 -18.44 1.48
C GLU B 348 4.94 -18.63 2.61
N GLU B 349 4.81 -19.86 3.12
CA GLU B 349 3.84 -20.12 4.18
C GLU B 349 4.17 -19.35 5.45
N HIS B 350 5.45 -19.17 5.75
CA HIS B 350 5.84 -18.40 6.93
C HIS B 350 5.40 -16.95 6.79
N GLU B 351 5.59 -16.37 5.61
CA GLU B 351 5.12 -15.00 5.37
C GLU B 351 3.60 -14.91 5.47
N VAL B 352 2.89 -15.93 4.95
CA VAL B 352 1.44 -15.94 5.06
C VAL B 352 1.01 -15.96 6.52
N CYS B 353 1.69 -16.77 7.34
CA CYS B 353 1.35 -16.83 8.76
C CYS B 353 1.62 -15.51 9.45
N ARG B 354 2.72 -14.84 9.11
CA ARG B 354 3.01 -13.53 9.70
C ARG B 354 1.92 -12.53 9.35
N TYR B 355 1.52 -12.49 8.08
CA TYR B 355 0.48 -11.56 7.67
C TYR B 355 -0.84 -11.88 8.36
N LYS B 356 -1.16 -13.17 8.52
CA LYS B 356 -2.40 -13.53 9.19
C LYS B 356 -2.38 -13.11 10.66
N GLU B 357 -1.23 -13.21 11.31
CA GLU B 357 -1.13 -12.73 12.70
C GLU B 357 -1.38 -11.23 12.78
N ALA B 358 -0.76 -10.47 11.87
CA ALA B 358 -1.01 -9.03 11.85
C ALA B 358 -2.48 -8.72 11.61
N LEU B 359 -3.11 -9.46 10.69
CA LEU B 359 -4.53 -9.28 10.42
C LEU B 359 -5.37 -9.58 11.65
N GLU B 360 -4.99 -10.59 12.43
CA GLU B 360 -5.72 -10.90 13.65
C GLU B 360 -5.64 -9.75 14.64
N GLN B 361 -4.46 -9.14 14.78
CA GLN B 361 -4.35 -7.97 15.66
C GLN B 361 -5.25 -6.83 15.19
N CYS B 362 -5.26 -6.57 13.88
CA CYS B 362 -6.13 -5.51 13.34
C CYS B 362 -7.59 -5.83 13.61
N ARG B 363 -7.98 -7.08 13.45
CA ARG B 363 -9.38 -7.47 13.69
C ARG B 363 -9.77 -7.24 15.14
N GLN B 364 -8.86 -7.58 16.07
CA GLN B 364 -9.16 -7.36 17.48
C GLN B 364 -9.36 -5.87 17.77
N LEU B 365 -8.53 -5.01 17.18
CA LEU B 365 -8.71 -3.58 17.38
C LEU B 365 -10.04 -3.09 16.81
N TYR B 366 -10.40 -3.56 15.61
CA TYR B 366 -11.68 -3.18 15.02
C TYR B 366 -12.85 -3.58 15.93
N TRP B 367 -12.80 -4.81 16.45
CA TRP B 367 -13.87 -5.28 17.32
C TRP B 367 -13.97 -4.44 18.58
N ARG B 368 -12.83 -4.07 19.16
CA ARG B 368 -12.85 -3.23 20.36
C ARG B 368 -13.52 -1.89 20.06
N ARG B 369 -13.16 -1.27 18.94
CA ARG B 369 -13.76 0.01 18.58
C ARG B 369 -15.28 -0.11 18.43
N ASP B 370 -15.73 -1.11 17.68
CA ASP B 370 -17.16 -1.27 17.46
C ASP B 370 -17.92 -1.53 18.76
N LEU B 371 -17.37 -2.38 19.62
CA LEU B 371 -18.03 -2.69 20.88
C LEU B 371 -18.15 -1.46 21.77
N GLU B 372 -17.08 -0.66 21.85
CA GLU B 372 -17.15 0.55 22.66
C GLU B 372 -18.18 1.52 22.12
N ARG B 373 -18.25 1.67 20.79
CA ARG B 373 -19.25 2.57 20.22
C ARG B 373 -20.67 2.11 20.56
N ALA B 374 -20.93 0.81 20.43
CA ALA B 374 -22.27 0.30 20.72
C ALA B 374 -22.64 0.51 22.19
N LEU B 375 -21.69 0.27 23.10
CA LEU B 375 -21.95 0.47 24.52
C LEU B 375 -22.26 1.94 24.81
N TYR B 376 -21.50 2.85 24.18
CA TYR B 376 -21.77 4.27 24.38
C TYR B 376 -23.17 4.64 23.90
N LEU B 377 -23.58 4.11 22.75
CA LEU B 377 -24.93 4.42 22.25
C LEU B 377 -25.99 3.90 23.21
N LEU B 378 -25.80 2.70 23.75
CA LEU B 378 -26.78 2.16 24.71
C LEU B 378 -26.90 3.05 25.94
N VAL B 379 -25.76 3.50 26.47
CA VAL B 379 -25.77 4.35 27.66
C VAL B 379 -26.46 5.68 27.36
N ARG B 380 -26.19 6.25 26.18
CA ARG B 380 -26.83 7.51 25.81
C ARG B 380 -28.35 7.35 25.70
N ARG B 381 -28.81 6.23 25.14
CA ARG B 381 -30.25 5.99 25.06
C ARG B 381 -30.86 5.88 26.46
N VAL B 382 -30.16 5.20 27.38
CA VAL B 382 -30.68 5.09 28.74
C VAL B 382 -30.82 6.47 29.40
N LEU B 383 -29.80 7.32 29.22
CA LEU B 383 -29.87 8.67 29.80
C LEU B 383 -31.04 9.46 29.20
N HIS B 384 -31.24 9.33 27.88
CA HIS B 384 -32.38 9.99 27.26
C HIS B 384 -33.70 9.49 27.84
N LEU B 385 -33.77 8.18 28.12
CA LEU B 385 -34.97 7.63 28.75
C LEU B 385 -35.20 8.24 30.12
N GLY B 386 -34.13 8.44 30.89
CA GLY B 386 -34.30 9.06 32.20
C GLY B 386 -34.86 10.46 32.11
N VAL B 387 -34.32 11.26 31.18
CA VAL B 387 -34.85 12.61 30.98
C VAL B 387 -36.31 12.54 30.53
N GLN B 388 -36.63 11.56 29.68
CA GLN B 388 -38.00 11.37 29.22
C GLN B 388 -39.13 11.19 30.23
N MET B 389 -38.93 10.31 31.21
CA MET B 389 -39.93 10.17 32.28
C MET B 389 -39.96 11.29 33.38
N LEU B 390 -38.82 11.98 33.47
CA LEU B 390 -38.77 13.18 34.30
C LEU B 390 -39.84 14.15 33.81
N MET B 391 -39.83 14.45 32.52
CA MET B 391 -40.87 15.32 31.96
C MET B 391 -42.28 14.68 31.78
N LEU B 392 -42.26 13.35 31.68
CA LEU B 392 -43.52 12.59 31.63
C LEU B 392 -44.11 12.83 33.02
N SER B 393 -43.27 12.75 34.06
CA SER B 393 -43.75 13.06 35.41
C SER B 393 -44.26 14.50 35.49
N CYS B 394 -43.49 15.44 34.94
CA CYS B 394 -43.93 16.83 34.96
C CYS B 394 -45.22 17.03 34.17
N GLY B 395 -45.32 16.38 33.01
CA GLY B 395 -46.52 16.51 32.20
C GLY B 395 -47.75 15.95 32.88
N LEU B 396 -47.62 14.78 33.53
CA LEU B 396 -48.73 14.23 34.30
C LEU B 396 -49.07 15.11 35.49
N GLN B 397 -48.08 15.79 36.06
CA GLN B 397 -48.38 16.80 37.08
C GLN B 397 -49.23 17.92 36.49
N GLN B 398 -48.92 18.35 35.28
CA GLN B 398 -49.76 19.31 34.57
C GLN B 398 -50.98 18.58 34.04
N THR B 405 -54.44 21.09 27.35
CA THR B 405 -53.48 20.56 28.32
C THR B 405 -53.83 19.11 28.68
N GLN B 406 -54.93 18.61 28.13
CA GLN B 406 -55.39 17.25 28.38
C GLN B 406 -55.42 16.49 27.07
N GLY B 407 -54.77 15.33 27.05
CA GLY B 407 -54.71 14.50 25.87
C GLY B 407 -53.67 14.90 24.85
N SER B 408 -52.94 15.99 25.09
CA SER B 408 -51.87 16.42 24.19
C SER B 408 -50.53 15.79 24.53
N LEU B 409 -50.42 15.06 25.64
CA LEU B 409 -49.17 14.41 25.99
C LEU B 409 -48.83 13.29 25.02
N LEU B 410 -49.84 12.66 24.42
CA LEU B 410 -49.58 11.60 23.45
C LEU B 410 -48.88 12.14 22.21
N SER B 411 -49.12 13.40 21.86
CA SER B 411 -48.51 14.00 20.68
C SER B 411 -47.25 14.77 21.01
N PHE B 412 -47.15 15.32 22.22
CA PHE B 412 -45.97 16.12 22.56
C PHE B 412 -44.74 15.24 22.77
N MET B 413 -44.94 14.03 23.29
CA MET B 413 -43.81 13.14 23.57
C MET B 413 -43.07 12.79 22.28
N ILE B 414 -43.82 12.51 21.21
CA ILE B 414 -43.22 12.08 19.96
C ILE B 414 -42.33 13.19 19.39
N TYR B 415 -42.83 14.43 19.41
CA TYR B 415 -42.06 15.54 18.87
C TYR B 415 -40.77 15.75 19.65
N GLN B 416 -40.85 15.68 20.98
CA GLN B 416 -39.65 15.83 21.80
C GLN B 416 -38.64 14.74 21.52
N GLU B 417 -39.11 13.49 21.40
CA GLU B 417 -38.20 12.39 21.12
C GLU B 417 -37.50 12.59 19.78
N SER B 418 -38.26 12.97 18.74
CA SER B 418 -37.68 13.15 17.42
C SER B 418 -36.64 14.26 17.42
N VAL B 419 -36.98 15.41 18.02
CA VAL B 419 -36.05 16.53 18.03
C VAL B 419 -34.79 16.19 18.81
N GLY B 420 -34.94 15.53 19.96
CA GLY B 420 -33.78 15.14 20.73
C GLY B 420 -32.88 14.18 19.97
N SER B 421 -33.48 13.20 19.29
CA SER B 421 -32.69 12.28 18.50
C SER B 421 -31.91 13.01 17.40
N TYR B 422 -32.57 13.95 16.72
CA TYR B 422 -31.90 14.67 15.65
C TYR B 422 -30.72 15.50 16.16
N VAL B 423 -30.92 16.19 17.29
CA VAL B 423 -29.84 17.02 17.83
C VAL B 423 -28.69 16.15 18.32
N GLN B 424 -29.01 15.01 18.95
CA GLN B 424 -27.96 14.09 19.38
C GLN B 424 -27.16 13.59 18.19
N THR B 425 -27.84 13.27 17.08
CA THR B 425 -27.13 12.82 15.88
C THR B 425 -26.21 13.91 15.35
N LEU B 426 -26.66 15.16 15.35
CA LEU B 426 -25.80 16.25 14.88
C LEU B 426 -24.55 16.37 15.75
N VAL B 427 -24.71 16.34 17.06
CA VAL B 427 -23.55 16.44 17.96
C VAL B 427 -22.62 15.27 17.76
N TYR B 428 -23.18 14.07 17.56
CA TYR B 428 -22.37 12.89 17.31
C TYR B 428 -21.54 13.04 16.04
N ILE B 429 -22.15 13.58 14.98
CA ILE B 429 -21.41 13.80 13.73
C ILE B 429 -20.26 14.77 13.95
N TYR B 430 -20.51 15.85 14.69
CA TYR B 430 -19.43 16.81 14.97
C TYR B 430 -18.28 16.14 15.70
N GLY B 431 -18.58 15.38 16.75
CA GLY B 431 -17.54 14.70 17.51
C GLY B 431 -16.82 13.66 16.67
N ASP B 432 -17.54 12.97 15.80
CA ASP B 432 -16.91 11.96 14.94
C ASP B 432 -15.91 12.60 13.99
N MET B 433 -16.29 13.72 13.37
CA MET B 433 -15.36 14.45 12.52
C MET B 433 -14.12 14.93 13.28
N LEU B 434 -14.34 15.47 14.49
CA LEU B 434 -13.21 15.93 15.29
C LEU B 434 -12.25 14.80 15.60
N SER B 435 -12.77 13.63 15.96
CA SER B 435 -11.89 12.51 16.31
C SER B 435 -11.16 11.99 15.08
N ASN B 436 -11.83 11.94 13.92
CA ASN B 436 -11.17 11.49 12.70
C ASN B 436 -10.01 12.40 12.34
N VAL B 437 -10.20 13.73 12.45
CA VAL B 437 -9.08 14.63 12.19
C VAL B 437 -7.97 14.44 13.22
N GLY B 438 -8.34 14.23 14.49
CA GLY B 438 -7.34 14.05 15.53
C GLY B 438 -6.49 12.81 15.35
N ALA B 439 -7.07 11.74 14.79
CA ALA B 439 -6.36 10.47 14.70
C ALA B 439 -5.21 10.48 13.70
N ALA B 440 -5.21 11.41 12.75
CA ALA B 440 -4.20 11.46 11.70
C ALA B 440 -3.00 12.33 12.08
N GLU B 441 -2.67 12.40 13.37
CA GLU B 441 -1.65 13.34 13.83
C GLU B 441 -0.27 13.05 13.24
N LYS B 442 0.03 11.79 12.91
CA LYS B 442 1.37 11.48 12.41
C LYS B 442 1.59 12.03 11.00
N VAL B 443 0.53 12.13 10.20
CA VAL B 443 0.65 12.79 8.90
C VAL B 443 1.04 14.24 9.08
N PHE B 444 0.37 14.95 9.98
CA PHE B 444 0.75 16.33 10.28
C PHE B 444 2.16 16.41 10.84
N SER B 445 2.59 15.39 11.58
CA SER B 445 3.96 15.39 12.10
C SER B 445 4.98 15.29 10.98
N TYR B 446 4.76 14.38 10.03
CA TYR B 446 5.67 14.28 8.88
C TYR B 446 5.60 15.49 7.97
N MET B 447 4.46 16.17 7.90
CA MET B 447 4.34 17.32 7.02
C MET B 447 5.07 18.56 7.52
N ASP B 448 5.53 18.57 8.77
CA ASP B 448 6.21 19.75 9.30
C ASP B 448 7.53 19.47 9.99
N ARG B 449 8.01 18.23 9.98
CA ARG B 449 9.35 17.92 10.47
C ARG B 449 10.40 18.69 9.68
N GLN B 450 11.26 19.43 10.39
CA GLN B 450 12.43 20.02 9.75
C GLN B 450 13.56 18.99 9.74
N PRO B 451 14.20 18.75 8.59
CA PRO B 451 15.26 17.76 8.54
C PRO B 451 16.50 18.21 9.31
N ASN B 452 17.27 17.22 9.76
CA ASN B 452 18.52 17.47 10.49
C ASN B 452 19.66 17.74 9.51
N LEU B 453 19.54 18.86 8.79
CA LEU B 453 20.51 19.24 7.79
C LEU B 453 20.94 20.69 7.99
N PRO B 454 22.15 21.05 7.55
CA PRO B 454 22.53 22.47 7.56
C PRO B 454 21.73 23.25 6.54
N SER B 455 21.71 24.57 6.72
CA SER B 455 20.96 25.44 5.83
C SER B 455 21.51 25.32 4.41
N PRO B 456 20.69 25.49 3.33
CA PRO B 456 21.19 25.28 1.95
C PRO B 456 22.37 26.18 1.56
N GLY B 457 23.05 25.87 0.46
CA GLY B 457 24.27 26.63 0.12
C GLY B 457 24.14 27.46 -1.15
N THR B 458 24.45 28.75 -1.06
CA THR B 458 24.42 29.68 -2.22
C THR B 458 25.44 29.36 -3.33
N LEU B 459 26.65 28.89 -3.00
CA LEU B 459 27.74 28.84 -4.02
C LEU B 459 27.54 28.00 -5.28
N ALA B 460 27.78 28.60 -6.45
CA ALA B 460 27.77 27.88 -7.75
C ALA B 460 28.86 28.44 -8.68
N PRO B 461 30.18 28.27 -8.45
CA PRO B 461 31.22 28.91 -9.29
C PRO B 461 31.17 28.60 -10.80
N THR B 462 31.66 29.51 -11.67
CA THR B 462 31.70 29.18 -13.09
C THR B 462 32.80 28.16 -13.41
N THR B 463 33.84 28.09 -12.58
CA THR B 463 34.92 27.13 -12.77
C THR B 463 35.31 26.55 -11.41
N LEU B 464 35.54 25.24 -11.39
CA LEU B 464 35.87 24.51 -10.17
C LEU B 464 37.20 23.81 -10.36
N GLN B 465 38.15 24.06 -9.45
CA GLN B 465 39.46 23.45 -9.55
C GLN B 465 39.46 21.99 -9.11
N GLY B 466 38.58 21.62 -8.19
CA GLY B 466 38.43 20.22 -7.82
C GLY B 466 39.40 19.69 -6.78
N VAL B 467 39.95 20.55 -5.94
CA VAL B 467 40.82 20.10 -4.85
C VAL B 467 39.97 19.77 -3.64
N VAL B 468 40.12 18.55 -3.12
CA VAL B 468 39.33 18.07 -2.00
C VAL B 468 40.26 17.84 -0.81
N LYS B 469 39.87 18.38 0.35
CA LYS B 469 40.68 18.28 1.56
C LYS B 469 39.85 17.75 2.71
N PHE B 470 40.35 16.71 3.38
CA PHE B 470 39.83 16.27 4.66
C PHE B 470 40.72 16.83 5.77
N GLN B 471 40.10 17.39 6.80
CA GLN B 471 40.84 18.01 7.90
C GLN B 471 40.32 17.46 9.22
N ASP B 472 41.01 16.45 9.75
CA ASP B 472 40.70 15.88 11.06
C ASP B 472 39.24 15.44 11.16
N VAL B 473 38.79 14.73 10.13
CA VAL B 473 37.39 14.34 10.04
C VAL B 473 37.12 13.15 10.94
N SER B 474 36.15 13.28 11.84
CA SER B 474 35.66 12.19 12.66
C SER B 474 34.15 12.08 12.46
N PHE B 475 33.64 10.86 12.40
CA PHE B 475 32.24 10.65 12.07
C PHE B 475 31.69 9.45 12.83
N ALA B 476 30.42 9.56 13.23
CA ALA B 476 29.65 8.47 13.79
C ALA B 476 28.23 8.59 13.29
N TYR B 477 27.65 7.46 12.89
CA TYR B 477 26.33 7.50 12.25
C TYR B 477 25.27 7.99 13.22
N PRO B 478 24.34 8.83 12.76
CA PRO B 478 23.37 9.43 13.69
C PRO B 478 22.45 8.44 14.37
N ASN B 479 22.13 7.31 13.72
CA ASN B 479 21.24 6.35 14.33
C ASN B 479 21.91 5.54 15.44
N ARG B 480 23.23 5.39 15.37
CA ARG B 480 23.99 4.65 16.39
C ARG B 480 25.22 5.46 16.78
N PRO B 481 25.02 6.55 17.52
CA PRO B 481 26.18 7.35 17.97
C PRO B 481 26.99 6.63 19.03
N ASP B 482 28.02 7.30 19.54
CA ASP B 482 28.95 6.76 20.54
C ASP B 482 29.72 5.55 20.05
N ARG B 483 29.66 5.25 18.75
CA ARG B 483 30.41 4.17 18.12
C ARG B 483 31.09 4.75 16.89
N PRO B 484 32.23 5.43 17.06
CA PRO B 484 32.85 6.13 15.94
C PRO B 484 33.27 5.18 14.83
N VAL B 485 33.10 5.63 13.59
CA VAL B 485 33.51 4.88 12.41
C VAL B 485 34.81 5.39 11.83
N LEU B 486 34.92 6.71 11.67
CA LEU B 486 36.14 7.35 11.20
C LEU B 486 36.72 8.20 12.32
N LYS B 487 38.05 8.15 12.46
CA LYS B 487 38.74 8.79 13.58
C LYS B 487 39.94 9.57 13.07
N GLY B 488 39.76 10.88 12.91
CA GLY B 488 40.88 11.76 12.57
C GLY B 488 41.49 11.55 11.20
N LEU B 489 40.68 11.38 10.17
CA LEU B 489 41.20 11.28 8.82
C LEU B 489 41.66 12.65 8.32
N THR B 490 42.70 12.64 7.49
CA THR B 490 43.20 13.86 6.88
C THR B 490 44.00 13.52 5.63
N PHE B 491 43.52 13.97 4.48
CA PHE B 491 44.17 13.70 3.21
C PHE B 491 43.75 14.74 2.19
N THR B 492 44.53 14.86 1.12
CA THR B 492 44.28 15.84 0.08
C THR B 492 44.25 15.15 -1.28
N LEU B 493 43.21 15.40 -2.06
CA LEU B 493 43.11 14.92 -3.43
C LEU B 493 43.33 16.08 -4.39
N ARG B 494 44.15 15.85 -5.41
CA ARG B 494 44.49 16.90 -6.35
C ARG B 494 44.03 16.51 -7.76
N PRO B 495 43.64 17.48 -8.57
CA PRO B 495 43.19 17.16 -9.94
C PRO B 495 44.31 16.60 -10.79
N GLY B 496 43.95 15.70 -11.69
CA GLY B 496 44.92 15.08 -12.58
C GLY B 496 45.67 13.91 -11.99
N GLU B 497 45.35 13.50 -10.76
CA GLU B 497 46.01 12.39 -10.11
C GLU B 497 44.96 11.42 -9.58
N VAL B 498 45.29 10.14 -9.61
CA VAL B 498 44.38 9.07 -9.21
C VAL B 498 44.79 8.59 -7.83
N THR B 499 43.83 8.57 -6.91
CA THR B 499 44.05 8.14 -5.53
C THR B 499 43.29 6.84 -5.28
N ALA B 500 43.95 5.87 -4.65
CA ALA B 500 43.36 4.59 -4.34
C ALA B 500 43.22 4.44 -2.83
N LEU B 501 42.03 4.04 -2.39
CA LEU B 501 41.75 3.82 -0.98
C LEU B 501 41.47 2.35 -0.76
N VAL B 502 42.21 1.73 0.16
CA VAL B 502 42.13 0.30 0.39
C VAL B 502 41.94 0.04 1.88
N GLY B 503 41.41 -1.14 2.19
CA GLY B 503 41.21 -1.55 3.57
C GLY B 503 40.30 -2.75 3.69
N PRO B 504 40.30 -3.38 4.86
CA PRO B 504 39.43 -4.55 5.08
C PRO B 504 37.95 -4.20 5.08
N ASN B 505 37.11 -5.21 5.23
CA ASN B 505 35.66 -4.98 5.30
C ASN B 505 35.30 -4.24 6.57
N GLY B 506 34.41 -3.27 6.45
CA GLY B 506 34.00 -2.47 7.59
C GLY B 506 34.96 -1.38 8.00
N SER B 507 35.96 -1.09 7.18
CA SER B 507 36.94 -0.06 7.55
C SER B 507 36.35 1.33 7.52
N GLY B 508 35.43 1.60 6.59
CA GLY B 508 34.82 2.92 6.50
C GLY B 508 35.07 3.60 5.17
N LYS B 509 35.29 2.82 4.12
CA LYS B 509 35.55 3.40 2.81
C LYS B 509 34.29 4.01 2.20
N SER B 510 33.17 3.29 2.27
CA SER B 510 31.92 3.84 1.77
C SER B 510 31.45 5.01 2.63
N THR B 511 31.81 5.03 3.91
CA THR B 511 31.54 6.20 4.75
C THR B 511 32.29 7.43 4.23
N VAL B 512 33.55 7.25 3.82
CA VAL B 512 34.31 8.34 3.22
C VAL B 512 33.65 8.78 1.93
N ALA B 513 33.22 7.83 1.10
CA ALA B 513 32.55 8.18 -0.15
C ALA B 513 31.26 8.96 0.11
N ALA B 514 30.54 8.62 1.18
CA ALA B 514 29.30 9.34 1.50
C ALA B 514 29.58 10.72 2.08
N LEU B 515 30.65 10.87 2.85
CA LEU B 515 31.01 12.19 3.37
C LEU B 515 31.46 13.12 2.25
N LEU B 516 32.15 12.58 1.24
CA LEU B 516 32.59 13.40 0.11
C LEU B 516 31.40 14.02 -0.62
N GLN B 517 30.30 13.27 -0.75
CA GLN B 517 29.13 13.72 -1.48
C GLN B 517 28.16 14.54 -0.62
N ASN B 518 28.56 14.87 0.60
CA ASN B 518 27.73 15.66 1.53
C ASN B 518 26.41 14.96 1.83
N LEU B 519 26.40 13.63 1.82
CA LEU B 519 25.23 12.89 2.27
C LEU B 519 25.11 12.87 3.78
N TYR B 520 26.23 12.87 4.49
CA TYR B 520 26.26 12.98 5.94
C TYR B 520 27.24 14.08 6.34
N GLN B 521 27.00 14.65 7.52
CA GLN B 521 27.88 15.69 8.00
C GLN B 521 28.89 15.14 9.00
N PRO B 522 30.15 15.53 8.90
CA PRO B 522 31.15 15.08 9.88
C PRO B 522 30.83 15.62 11.27
N THR B 523 31.11 14.81 12.28
CA THR B 523 30.96 15.22 13.67
C THR B 523 32.20 15.90 14.21
N GLY B 524 33.25 16.00 13.42
CA GLY B 524 34.44 16.73 13.81
C GLY B 524 35.28 17.04 12.59
N GLY B 525 35.94 18.19 12.62
CA GLY B 525 36.73 18.61 11.48
C GLY B 525 35.89 19.19 10.37
N GLN B 526 36.52 19.32 9.20
CA GLN B 526 35.89 19.95 8.05
C GLN B 526 36.18 19.14 6.80
N VAL B 527 35.26 19.23 5.83
CA VAL B 527 35.46 18.71 4.48
C VAL B 527 35.39 19.89 3.53
N LEU B 528 36.47 20.14 2.80
CA LEU B 528 36.60 21.33 1.97
C LEU B 528 36.71 20.96 0.50
N LEU B 529 36.00 21.71 -0.34
CA LEU B 529 36.13 21.64 -1.79
C LEU B 529 36.49 23.02 -2.28
N ASP B 530 37.65 23.13 -2.94
CA ASP B 530 38.20 24.42 -3.37
C ASP B 530 38.33 25.39 -2.19
N GLU B 531 38.84 24.88 -1.07
CA GLU B 531 39.09 25.65 0.15
C GLU B 531 37.82 26.26 0.73
N LYS B 532 36.66 25.68 0.42
CA LYS B 532 35.39 26.08 1.01
C LYS B 532 34.63 24.84 1.45
N PRO B 533 33.82 24.95 2.50
CA PRO B 533 33.10 23.77 3.01
C PRO B 533 32.20 23.17 1.95
N ILE B 534 32.12 21.84 1.94
CA ILE B 534 31.34 21.13 0.92
C ILE B 534 29.86 21.48 1.04
N SER B 535 29.39 21.82 2.25
CA SER B 535 27.98 22.09 2.47
C SER B 535 27.56 23.48 2.02
N GLN B 536 28.50 24.34 1.63
CA GLN B 536 28.16 25.69 1.20
C GLN B 536 27.86 25.81 -0.29
N TYR B 537 27.94 24.71 -1.04
CA TYR B 537 27.65 24.74 -2.46
C TYR B 537 26.19 24.43 -2.72
N GLU B 538 25.68 24.91 -3.84
CA GLU B 538 24.30 24.68 -4.21
C GLU B 538 24.07 23.19 -4.48
N HIS B 539 22.85 22.73 -4.20
CA HIS B 539 22.57 21.30 -4.22
C HIS B 539 22.77 20.72 -5.61
N CYS B 540 22.13 21.32 -6.62
CA CYS B 540 22.24 20.80 -7.98
C CYS B 540 23.65 20.96 -8.53
N TYR B 541 24.28 22.11 -8.29
CA TYR B 541 25.64 22.32 -8.78
C TYR B 541 26.61 21.34 -8.13
N LEU B 542 26.49 21.13 -6.82
CA LEU B 542 27.38 20.19 -6.14
C LEU B 542 27.19 18.78 -6.68
N HIS B 543 25.95 18.30 -6.73
CA HIS B 543 25.84 16.93 -7.24
C HIS B 543 25.91 16.85 -8.75
N SER B 544 26.20 17.95 -9.44
CA SER B 544 26.64 17.90 -10.82
C SER B 544 28.15 17.79 -10.95
N GLN B 545 28.91 18.52 -10.12
CA GLN B 545 30.36 18.45 -10.20
C GLN B 545 30.95 17.22 -9.53
N VAL B 546 30.35 16.74 -8.44
CA VAL B 546 30.85 15.59 -7.70
C VAL B 546 29.89 14.43 -7.92
N VAL B 547 30.40 13.34 -8.50
CA VAL B 547 29.58 12.22 -8.95
C VAL B 547 30.23 10.91 -8.50
N SER B 548 29.41 9.94 -8.13
CA SER B 548 29.88 8.67 -7.60
C SER B 548 29.19 7.49 -8.27
N VAL B 549 29.88 6.36 -8.30
CA VAL B 549 29.31 5.07 -8.68
C VAL B 549 29.21 4.24 -7.41
N GLY B 550 27.99 3.87 -7.03
CA GLY B 550 27.77 3.19 -5.77
C GLY B 550 28.33 1.77 -5.75
N GLN B 551 28.34 1.18 -4.55
CA GLN B 551 28.86 -0.17 -4.38
C GLN B 551 27.96 -1.19 -5.08
N GLU B 552 26.66 -1.14 -4.82
CA GLU B 552 25.68 -1.98 -5.51
C GLU B 552 24.72 -1.07 -6.24
N PRO B 553 24.94 -0.80 -7.53
CA PRO B 553 24.17 0.23 -8.22
C PRO B 553 22.68 -0.07 -8.23
N VAL B 554 21.87 0.96 -8.03
CA VAL B 554 20.42 0.86 -8.10
C VAL B 554 19.94 1.59 -9.36
N LEU B 555 19.21 0.90 -10.23
CA LEU B 555 18.53 1.49 -11.37
C LEU B 555 17.02 1.62 -11.08
N PHE B 556 16.29 2.34 -11.92
CA PHE B 556 14.85 2.57 -11.77
C PHE B 556 14.08 2.01 -12.95
N SER B 557 12.84 1.58 -12.74
CA SER B 557 11.96 1.15 -13.83
C SER B 557 11.80 2.26 -14.88
N GLY B 558 12.00 1.94 -16.16
CA GLY B 558 12.04 2.92 -17.25
C GLY B 558 13.03 2.54 -18.35
N SER B 559 13.24 3.40 -19.33
CA SER B 559 14.15 3.12 -20.44
C SER B 559 15.64 3.16 -20.05
N VAL B 560 16.53 2.68 -20.92
CA VAL B 560 17.97 2.90 -20.78
C VAL B 560 18.32 4.40 -20.89
N ARG B 561 17.68 5.16 -21.78
CA ARG B 561 17.83 6.64 -21.86
C ARG B 561 17.51 7.35 -20.56
N ASN B 562 16.59 6.84 -19.73
CA ASN B 562 16.21 7.49 -18.48
C ASN B 562 17.10 7.07 -17.30
N ASN B 563 17.84 5.96 -17.40
CA ASN B 563 18.78 5.51 -16.37
C ASN B 563 20.19 6.07 -16.59
N ILE B 564 20.75 5.96 -17.80
CA ILE B 564 21.74 6.96 -18.25
C ILE B 564 21.02 8.32 -18.19
N ALA B 565 21.67 9.45 -17.98
CA ALA B 565 20.97 10.76 -17.95
C ALA B 565 19.80 10.89 -16.93
N TYR B 566 19.74 10.03 -15.92
CA TYR B 566 18.89 10.21 -14.74
C TYR B 566 19.23 11.54 -14.08
N GLY B 567 18.26 12.38 -13.76
CA GLY B 567 18.44 13.65 -13.06
C GLY B 567 18.93 14.84 -13.90
N LEU B 568 19.24 14.66 -15.19
CA LEU B 568 19.50 15.77 -16.11
C LEU B 568 18.19 16.39 -16.59
N GLN B 569 18.11 17.72 -16.64
CA GLN B 569 16.94 18.41 -17.15
C GLN B 569 16.75 18.15 -18.64
N SER B 570 17.81 18.22 -19.43
CA SER B 570 17.81 17.87 -20.84
C SER B 570 19.16 17.26 -21.24
N CYS B 571 19.11 16.24 -22.08
CA CYS B 571 20.27 15.48 -22.50
C CYS B 571 20.01 14.91 -23.89
N GLU B 572 20.81 15.34 -24.87
CA GLU B 572 20.61 14.96 -26.26
C GLU B 572 21.02 13.51 -26.55
N ASP B 573 20.43 12.93 -27.59
CA ASP B 573 20.68 11.57 -28.09
C ASP B 573 22.19 11.25 -28.22
N ASP B 574 22.97 12.27 -28.54
CA ASP B 574 24.39 12.14 -28.87
C ASP B 574 25.23 11.95 -27.61
N LYS B 575 24.94 12.71 -26.56
CA LYS B 575 25.68 12.55 -25.31
C LYS B 575 25.40 11.21 -24.66
N VAL B 576 24.15 10.73 -24.70
CA VAL B 576 23.83 9.42 -24.11
C VAL B 576 24.49 8.29 -24.89
N MET B 577 24.65 8.43 -26.22
CA MET B 577 25.37 7.40 -26.98
C MET B 577 26.87 7.47 -26.70
N ALA B 578 27.42 8.68 -26.58
CA ALA B 578 28.84 8.82 -26.28
C ALA B 578 29.18 8.26 -24.90
N ALA B 579 28.34 8.49 -23.89
CA ALA B 579 28.54 7.93 -22.54
C ALA B 579 28.38 6.41 -22.52
N ALA B 580 27.40 5.86 -23.25
CA ALA B 580 27.27 4.42 -23.43
C ALA B 580 28.50 3.81 -24.12
N GLN B 581 29.10 4.49 -25.11
CA GLN B 581 30.31 3.98 -25.73
C GLN B 581 31.49 4.04 -24.78
N ALA B 582 31.59 5.12 -23.99
CA ALA B 582 32.72 5.27 -23.07
C ALA B 582 32.74 4.16 -22.04
N ALA B 583 31.57 3.73 -21.57
CA ALA B 583 31.46 2.69 -20.56
C ALA B 583 31.42 1.28 -21.13
N HIS B 584 31.60 1.14 -22.46
CA HIS B 584 31.51 -0.15 -23.15
C HIS B 584 30.15 -0.81 -22.99
N ALA B 585 29.10 -0.04 -22.68
CA ALA B 585 27.74 -0.52 -22.53
C ALA B 585 27.04 -0.68 -23.88
N ASP B 586 27.55 -0.06 -24.94
CA ASP B 586 26.82 -0.01 -26.20
C ASP B 586 26.70 -1.38 -26.87
N ASP B 587 27.59 -2.33 -26.54
CA ASP B 587 27.57 -3.61 -27.22
C ASP B 587 26.29 -4.39 -26.94
N PHE B 588 25.86 -4.45 -25.68
CA PHE B 588 24.64 -5.15 -25.29
C PHE B 588 23.38 -4.34 -25.54
N ILE B 589 23.47 -3.00 -25.61
CA ILE B 589 22.31 -2.14 -25.90
C ILE B 589 21.77 -2.38 -27.31
N GLN B 590 22.60 -2.72 -28.31
CA GLN B 590 22.10 -3.02 -29.66
C GLN B 590 21.29 -4.32 -29.67
N GLU B 591 21.75 -5.32 -28.92
CA GLU B 591 21.04 -6.60 -28.88
C GLU B 591 19.69 -6.52 -28.19
N MET B 592 19.39 -5.46 -27.43
CA MET B 592 18.06 -5.27 -26.85
C MET B 592 17.02 -5.02 -27.93
N GLU B 593 15.76 -5.29 -27.62
CA GLU B 593 14.68 -5.26 -28.60
C GLU B 593 14.37 -3.85 -29.07
N HIS B 594 14.49 -2.85 -28.19
CA HIS B 594 14.13 -1.48 -28.53
C HIS B 594 15.29 -0.51 -28.37
N GLY B 595 16.53 -1.01 -28.36
CA GLY B 595 17.74 -0.21 -28.20
C GLY B 595 17.74 0.58 -26.90
N ILE B 596 18.20 1.82 -26.97
CA ILE B 596 18.22 2.81 -25.87
C ILE B 596 16.83 3.02 -25.23
N TYR B 597 15.73 2.67 -25.91
CA TYR B 597 14.37 2.84 -25.38
C TYR B 597 13.82 1.61 -24.65
N THR B 598 14.59 0.53 -24.54
CA THR B 598 14.15 -0.72 -23.89
C THR B 598 13.88 -0.53 -22.41
N ASP B 599 12.77 -1.05 -21.90
CA ASP B 599 12.43 -1.02 -20.49
C ASP B 599 13.42 -1.84 -19.67
N VAL B 600 14.24 -1.18 -18.88
CA VAL B 600 14.98 -1.77 -17.75
C VAL B 600 13.96 -2.10 -16.68
N GLY B 601 13.91 -3.35 -16.22
CA GLY B 601 12.92 -3.77 -15.22
C GLY B 601 13.10 -3.08 -13.87
N GLU B 602 12.20 -3.34 -12.92
CA GLU B 602 12.25 -2.70 -11.62
C GLU B 602 13.56 -3.05 -10.90
N LYS B 603 14.25 -2.03 -10.39
CA LYS B 603 15.55 -2.15 -9.76
C LYS B 603 16.59 -2.76 -10.68
N GLY B 604 16.38 -2.68 -12.00
CA GLY B 604 17.30 -3.29 -12.94
C GLY B 604 17.28 -4.81 -12.91
N SER B 605 16.16 -5.41 -12.52
CA SER B 605 16.08 -6.86 -12.34
C SER B 605 16.10 -7.62 -13.65
N GLN B 606 15.98 -6.95 -14.80
CA GLN B 606 15.99 -7.61 -16.10
C GLN B 606 17.33 -7.46 -16.82
N LEU B 607 18.41 -7.17 -16.11
CA LEU B 607 19.76 -7.07 -16.65
C LEU B 607 20.71 -7.95 -15.84
N ALA B 608 21.78 -8.42 -16.46
CA ALA B 608 22.88 -9.05 -15.75
C ALA B 608 23.58 -8.03 -14.85
N ALA B 609 24.36 -8.55 -13.90
CA ALA B 609 25.02 -7.67 -12.94
C ALA B 609 26.00 -6.74 -13.62
N GLY B 610 26.79 -7.25 -14.56
CA GLY B 610 27.76 -6.42 -15.25
C GLY B 610 27.11 -5.36 -16.12
N GLN B 611 25.98 -5.70 -16.75
CA GLN B 611 25.26 -4.74 -17.56
C GLN B 611 24.74 -3.58 -16.71
N LYS B 612 24.15 -3.91 -15.56
CA LYS B 612 23.71 -2.89 -14.61
C LYS B 612 24.88 -2.03 -14.15
N GLN B 613 26.03 -2.67 -13.88
CA GLN B 613 27.22 -1.93 -13.45
C GLN B 613 27.67 -0.96 -14.53
N ARG B 614 27.64 -1.39 -15.80
CA ARG B 614 28.05 -0.51 -16.89
C ARG B 614 27.07 0.63 -17.08
N LEU B 615 25.76 0.40 -16.94
CA LEU B 615 24.78 1.50 -16.98
C LEU B 615 25.00 2.46 -15.83
N ALA B 616 25.45 2.00 -14.66
CA ALA B 616 25.81 2.93 -13.59
C ALA B 616 27.03 3.76 -13.96
N ILE B 617 28.02 3.14 -14.59
CA ILE B 617 29.22 3.87 -15.01
C ILE B 617 28.85 4.94 -16.04
N ALA B 618 27.99 4.62 -17.02
CA ALA B 618 27.52 5.57 -18.02
C ALA B 618 26.67 6.69 -17.40
N ARG B 619 25.80 6.39 -16.44
CA ARG B 619 25.08 7.39 -15.63
C ARG B 619 26.05 8.32 -14.91
N ALA B 620 27.22 7.84 -14.49
CA ALA B 620 28.20 8.73 -13.87
C ALA B 620 28.92 9.59 -14.91
N LEU B 621 29.36 8.97 -16.01
CA LEU B 621 30.23 9.68 -16.95
C LEU B 621 29.49 10.70 -17.81
N VAL B 622 28.19 10.54 -18.06
CA VAL B 622 27.45 11.44 -18.94
C VAL B 622 27.47 12.89 -18.43
N ARG B 623 27.79 13.11 -17.14
CA ARG B 623 27.79 14.46 -16.57
C ARG B 623 29.11 15.19 -16.78
N ASP B 624 30.17 14.48 -17.13
CA ASP B 624 31.55 14.98 -17.15
C ASP B 624 31.80 15.59 -15.77
N PRO B 625 32.04 14.77 -14.75
CA PRO B 625 32.31 15.32 -13.42
C PRO B 625 33.73 15.82 -13.28
N ARG B 626 33.90 16.84 -12.44
CA ARG B 626 35.24 17.25 -12.02
C ARG B 626 35.83 16.33 -10.98
N VAL B 627 35.01 15.74 -10.11
CA VAL B 627 35.45 14.79 -9.10
C VAL B 627 34.66 13.50 -9.30
N LEU B 628 35.36 12.40 -9.54
CA LEU B 628 34.74 11.11 -9.79
C LEU B 628 35.10 10.13 -8.68
N ILE B 629 34.10 9.46 -8.13
CA ILE B 629 34.27 8.51 -7.04
C ILE B 629 33.78 7.14 -7.52
N LEU B 630 34.61 6.12 -7.33
CA LEU B 630 34.33 4.77 -7.82
C LEU B 630 34.37 3.79 -6.66
N ASP B 631 33.21 3.51 -6.07
CA ASP B 631 33.09 2.61 -4.93
C ASP B 631 32.95 1.17 -5.43
N GLN B 632 34.09 0.55 -5.75
CA GLN B 632 34.10 -0.83 -6.30
C GLN B 632 33.25 -0.87 -7.57
N ALA B 633 33.65 -0.10 -8.60
CA ALA B 633 32.88 -0.04 -9.83
C ALA B 633 33.16 -1.22 -10.76
N THR B 634 34.20 -2.00 -10.51
CA THR B 634 34.58 -3.10 -11.39
C THR B 634 34.40 -4.46 -10.74
N SER B 635 33.63 -4.56 -9.66
CA SER B 635 33.46 -5.83 -8.96
C SER B 635 32.77 -6.87 -9.83
N ALA B 636 31.71 -6.47 -10.55
CA ALA B 636 30.93 -7.42 -11.33
C ALA B 636 31.47 -7.65 -12.74
N LEU B 637 32.41 -6.82 -13.19
CA LEU B 637 32.88 -6.88 -14.57
C LEU B 637 33.91 -7.98 -14.75
N ASP B 638 33.89 -8.60 -15.93
CA ASP B 638 34.90 -9.60 -16.25
C ASP B 638 36.26 -8.94 -16.42
N VAL B 639 37.30 -9.78 -16.45
CA VAL B 639 38.68 -9.28 -16.37
C VAL B 639 39.00 -8.37 -17.57
N GLN B 640 38.46 -8.69 -18.74
CA GLN B 640 38.82 -7.92 -19.93
C GLN B 640 38.14 -6.54 -19.92
N CYS B 641 36.86 -6.50 -19.56
CA CYS B 641 36.19 -5.21 -19.43
C CYS B 641 36.78 -4.40 -18.28
N GLU B 642 37.13 -5.07 -17.19
CA GLU B 642 37.78 -4.39 -16.07
C GLU B 642 39.11 -3.77 -16.49
N GLN B 643 39.90 -4.49 -17.29
CA GLN B 643 41.16 -3.95 -17.77
C GLN B 643 40.91 -2.77 -18.69
N ALA B 644 39.93 -2.90 -19.59
CA ALA B 644 39.71 -1.85 -20.59
C ALA B 644 39.29 -0.53 -19.95
N LEU B 645 38.69 -0.55 -18.76
CA LEU B 645 38.16 0.64 -18.12
C LEU B 645 39.13 1.27 -17.13
N GLN B 646 40.40 0.88 -17.14
CA GLN B 646 41.33 1.34 -16.11
C GLN B 646 41.72 2.81 -16.29
N ASP B 647 41.78 3.30 -17.54
CA ASP B 647 42.21 4.68 -17.80
C ASP B 647 41.05 5.62 -17.47
N TRP B 648 40.97 6.00 -16.20
CA TRP B 648 39.85 6.80 -15.73
C TRP B 648 39.98 8.29 -16.07
N ASN B 649 41.20 8.83 -16.07
CA ASN B 649 41.40 10.25 -16.31
C ASN B 649 42.51 10.47 -17.33
N SER B 650 42.40 9.78 -18.48
CA SER B 650 43.39 9.92 -19.54
C SER B 650 43.52 11.37 -19.99
N ARG B 651 42.45 12.16 -19.93
CA ARG B 651 42.53 13.57 -20.24
C ARG B 651 43.27 14.36 -19.16
N GLY B 652 43.33 13.83 -17.95
CA GLY B 652 44.06 14.51 -16.87
C GLY B 652 43.40 15.76 -16.35
N ASP B 653 42.08 15.86 -16.44
CA ASP B 653 41.36 17.07 -16.06
C ASP B 653 40.44 16.90 -14.86
N ARG B 654 40.37 15.71 -14.26
CA ARG B 654 39.45 15.47 -13.17
C ARG B 654 40.12 14.68 -12.05
N THR B 655 39.56 14.81 -10.86
CA THR B 655 40.01 14.10 -9.68
C THR B 655 39.30 12.75 -9.58
N VAL B 656 40.06 11.69 -9.34
CA VAL B 656 39.52 10.33 -9.27
C VAL B 656 39.89 9.72 -7.93
N LEU B 657 38.90 9.13 -7.27
CA LEU B 657 39.10 8.33 -6.06
C LEU B 657 38.62 6.91 -6.33
N VAL B 658 39.51 5.94 -6.18
CA VAL B 658 39.22 4.54 -6.47
C VAL B 658 39.21 3.75 -5.17
N ILE B 659 38.13 3.02 -4.93
CA ILE B 659 37.97 2.16 -3.76
C ILE B 659 37.87 0.72 -4.26
N ALA B 660 38.80 -0.13 -3.82
CA ALA B 660 38.83 -1.50 -4.32
C ALA B 660 39.59 -2.37 -3.33
N HIS B 661 39.44 -3.69 -3.50
CA HIS B 661 40.20 -4.69 -2.77
C HIS B 661 41.30 -5.31 -3.61
N ARG B 662 41.05 -5.54 -4.90
CA ARG B 662 42.05 -6.13 -5.76
C ARG B 662 43.20 -5.17 -6.01
N LEU B 663 44.43 -5.68 -5.91
CA LEU B 663 45.62 -4.84 -6.08
C LEU B 663 45.86 -4.46 -7.54
N GLN B 664 45.15 -5.07 -8.48
CA GLN B 664 45.36 -4.74 -9.89
C GLN B 664 44.99 -3.30 -10.20
N THR B 665 43.91 -2.81 -9.57
CA THR B 665 43.42 -1.46 -9.82
C THR B 665 44.08 -0.41 -8.94
N VAL B 666 45.01 -0.80 -8.08
CA VAL B 666 45.67 0.14 -7.18
C VAL B 666 47.16 0.33 -7.50
N GLN B 667 47.72 -0.43 -8.44
CA GLN B 667 49.14 -0.31 -8.74
C GLN B 667 49.45 0.94 -9.55
N ARG B 668 48.50 1.42 -10.36
CA ARG B 668 48.73 2.58 -11.22
C ARG B 668 48.33 3.89 -10.56
N ALA B 669 47.87 3.86 -9.32
CA ALA B 669 47.45 5.07 -8.63
C ALA B 669 48.66 5.90 -8.20
N HIS B 670 48.53 7.22 -8.30
CA HIS B 670 49.60 8.11 -7.84
C HIS B 670 49.76 8.04 -6.32
N GLN B 671 48.66 8.00 -5.59
CA GLN B 671 48.66 8.01 -4.14
C GLN B 671 47.80 6.88 -3.62
N ILE B 672 48.31 6.17 -2.61
CA ILE B 672 47.61 5.03 -2.02
C ILE B 672 47.40 5.31 -0.54
N LEU B 673 46.15 5.22 -0.10
CA LEU B 673 45.79 5.41 1.30
C LEU B 673 45.25 4.10 1.85
N VAL B 674 45.82 3.65 2.97
CA VAL B 674 45.41 2.41 3.62
C VAL B 674 44.61 2.77 4.85
N LEU B 675 43.38 2.27 4.92
CA LEU B 675 42.45 2.59 6.00
C LEU B 675 42.18 1.32 6.80
N GLN B 676 42.48 1.36 8.10
CA GLN B 676 42.29 0.22 8.99
C GLN B 676 41.63 0.69 10.27
N GLU B 677 40.44 0.18 10.56
CA GLU B 677 39.70 0.51 11.77
C GLU B 677 39.46 2.01 11.89
N GLY B 678 39.21 2.66 10.75
CA GLY B 678 38.86 4.07 10.76
C GLY B 678 40.01 5.04 10.90
N LYS B 679 41.26 4.57 10.80
CA LYS B 679 42.43 5.43 10.88
C LYS B 679 43.36 5.16 9.71
N LEU B 680 44.01 6.21 9.22
CA LEU B 680 44.97 6.05 8.14
C LEU B 680 46.25 5.42 8.68
N GLN B 681 46.75 4.42 7.95
CA GLN B 681 47.98 3.74 8.34
C GLN B 681 49.18 4.31 7.59
N UNK C 1 -19.50 6.05 8.55
CA UNK C 1 -20.69 6.26 9.37
C UNK C 1 -21.95 5.89 8.58
N UNK C 2 -22.66 4.87 9.07
CA UNK C 2 -23.87 4.40 8.41
C UNK C 2 -25.10 5.25 8.72
N UNK C 3 -24.99 6.21 9.64
CA UNK C 3 -26.13 7.03 10.06
C UNK C 3 -27.28 6.15 10.54
N UNK C 4 -26.95 5.17 11.38
CA UNK C 4 -27.96 4.26 11.92
C UNK C 4 -28.96 4.96 12.82
N UNK C 5 -28.70 6.21 13.23
CA UNK C 5 -29.66 6.95 14.03
C UNK C 5 -30.95 7.23 13.27
N UNK C 6 -30.95 7.07 11.94
CA UNK C 6 -32.17 7.24 11.16
C UNK C 6 -33.23 6.21 11.52
N UNK C 7 -32.86 5.14 12.23
CA UNK C 7 -33.83 4.15 12.67
C UNK C 7 -34.86 4.74 13.61
N UNK C 8 -34.58 5.89 14.22
CA UNK C 8 -35.52 6.55 15.11
C UNK C 8 -36.71 7.16 14.38
N UNK C 9 -36.73 7.13 13.06
CA UNK C 9 -37.85 7.63 12.27
C UNK C 9 -39.12 6.79 12.44
N UNK C 10 -39.10 5.76 13.29
CA UNK C 10 -40.31 5.01 13.59
C UNK C 10 -41.37 5.87 14.27
N UNK C 11 -41.00 7.04 14.78
CA UNK C 11 -41.97 7.93 15.40
C UNK C 11 -43.00 8.42 14.40
N UNK C 12 -42.66 8.45 13.12
CA UNK C 12 -43.64 8.82 12.09
C UNK C 12 -44.69 7.73 11.93
N UNK C 13 -44.29 6.46 12.04
CA UNK C 13 -45.25 5.36 11.91
C UNK C 13 -46.24 5.37 13.06
N UNK C 14 -45.78 5.66 14.28
CA UNK C 14 -46.70 5.74 15.41
C UNK C 14 -47.68 6.89 15.25
N UNK C 15 -47.23 8.02 14.74
CA UNK C 15 -48.09 9.18 14.54
C UNK C 15 -48.76 9.12 13.18
#